data_4MW2
#
_entry.id   4MW2
#
_cell.length_a   87.712
_cell.length_b   106.080
_cell.length_c   206.275
_cell.angle_alpha   90.000
_cell.angle_beta   90.000
_cell.angle_gamma   90.000
#
_symmetry.space_group_name_H-M   'P 21 21 21'
#
loop_
_entity.id
_entity.type
_entity.pdbx_description
1 polymer 'Methionyl-tRNA synthetase'
2 non-polymer GLYCEROL
3 non-polymer 'DIMETHYL SULFOXIDE'
4 non-polymer 'SULFATE ION'
5 non-polymer METHIONINE
6 non-polymer 1-(3-{[5-chloro-2-hydroxy-3-(prop-2-en-1-yl)benzyl]amino}propyl)-3-thiophen-3-ylurea
7 water water
#
_entity_poly.entity_id   1
_entity_poly.type   'polypeptide(L)'
_entity_poly.pdbx_seq_one_letter_code
;GPGSMKVEKVFFVTSPIYYVNAAPHIGHVYSTLITDVIGRYHRVKGERVFALTGTDEHGQKVAEAAKQKQVSPYDFTTAV
AGEFKKCFEQMDYSIDYFIRTTNEQHKAVVKELWTKLEQKGDIYLGRYEGWYSISDESFLTPQNITDGVDKDGNPCKVSL
ESGHVVTWVSEENYMFRLSAFRERLLEWYHANPGCIVPEFRRREVIRAVEKGLPDLSVSRARATLHNWAIPVPGNPDH
(CAS)VYVWLDALTNYLTGSRLRVDESGKEVSLVDDFNELERFPADVHVIGKDILKFHAIYWPAFLLSAGLPLPKKIVAH
GWWTKDRKKISKSLGNVFDPVEKAEEFGYDALKYFLLRESGFSDDGDYSDKNMIARLNGELADTLGNLVMRCTSAKINVN
GEWPSPAAYTEEDESLIQLIKDLPGTADHYYLIPDIQKAIIAVFDVLRAINAYVTDMAPWKLVKTDPERLRTVLYITLEG
VRVTTLLLSPILPRKSVVIFDMLGVPEVHRKGIENFEFGAVPPGTRLGPAVEGEVLFSKRSTENTKST
;
_entity_poly.pdbx_strand_id   A,B
#
# COMPACT_ATOMS: atom_id res chain seq x y z
N VAL A 7 25.13 11.44 -16.48
CA VAL A 7 26.20 12.46 -16.22
C VAL A 7 26.02 13.14 -14.84
N GLU A 8 27.14 13.47 -14.21
CA GLU A 8 27.15 14.06 -12.86
C GLU A 8 27.20 15.57 -12.96
N LYS A 9 26.25 16.23 -12.30
CA LYS A 9 26.16 17.69 -12.33
C LYS A 9 25.42 18.17 -11.08
N VAL A 10 25.26 19.47 -10.93
CA VAL A 10 24.49 20.02 -9.80
C VAL A 10 23.02 19.92 -10.17
N PHE A 11 22.24 19.34 -9.27
CA PHE A 11 20.81 19.22 -9.47
C PHE A 11 20.18 20.60 -9.32
N PHE A 12 19.62 21.13 -10.40
CA PHE A 12 19.18 22.53 -10.49
C PHE A 12 17.65 22.61 -10.45
N VAL A 13 17.10 23.16 -9.39
CA VAL A 13 15.66 23.22 -9.24
C VAL A 13 15.18 24.65 -9.01
N THR A 14 14.18 25.08 -9.79
CA THR A 14 13.74 26.48 -9.82
C THR A 14 12.25 26.62 -9.52
N SER A 15 11.89 27.77 -8.97
CA SER A 15 10.52 28.21 -8.87
C SER A 15 10.35 29.29 -9.93
N PRO A 16 9.10 29.69 -10.20
CA PRO A 16 8.94 30.88 -11.04
C PRO A 16 9.46 32.09 -10.27
N ILE A 17 9.86 33.14 -10.99
CA ILE A 17 10.11 34.43 -10.36
C ILE A 17 8.83 35.24 -10.39
N TYR A 18 8.42 35.76 -9.24
CA TYR A 18 7.08 36.34 -9.03
C TYR A 18 7.02 37.84 -9.29
N TYR A 19 5.93 38.29 -9.92
CA TYR A 19 5.74 39.72 -10.15
C TYR A 19 5.63 40.41 -8.80
N VAL A 20 6.26 41.58 -8.70
CA VAL A 20 6.25 42.34 -7.43
C VAL A 20 5.27 43.51 -7.47
N ASN A 21 4.13 43.30 -8.11
CA ASN A 21 3.05 44.29 -8.11
C ASN A 21 2.28 44.30 -6.80
N ALA A 22 2.39 43.23 -6.04
CA ALA A 22 1.71 43.13 -4.74
C ALA A 22 2.45 42.20 -3.80
N ALA A 23 2.00 42.18 -2.55
CA ALA A 23 2.70 41.48 -1.50
C ALA A 23 2.73 39.99 -1.81
N PRO A 24 3.70 39.27 -1.24
CA PRO A 24 3.64 37.81 -1.32
C PRO A 24 2.41 37.23 -0.58
N HIS A 25 1.87 36.13 -1.10
CA HIS A 25 0.70 35.44 -0.58
C HIS A 25 0.88 33.93 -0.73
N ILE A 26 -0.08 33.17 -0.22
CA ILE A 26 0.01 31.70 -0.20
C ILE A 26 0.49 31.08 -1.53
N GLY A 27 -0.02 31.53 -2.66
CA GLY A 27 0.39 30.98 -3.96
C GLY A 27 1.89 31.00 -4.21
N HIS A 28 2.52 32.09 -3.84
CA HIS A 28 3.95 32.24 -4.01
C HIS A 28 4.73 31.27 -3.10
N VAL A 29 4.26 31.16 -1.86
CA VAL A 29 4.79 30.26 -0.86
C VAL A 29 4.68 28.80 -1.30
N TYR A 30 3.56 28.43 -1.91
CA TYR A 30 3.32 27.05 -2.32
C TYR A 30 4.29 26.65 -3.44
N SER A 31 4.44 27.50 -4.45
CA SER A 31 5.36 27.20 -5.54
C SER A 31 6.77 27.08 -5.02
N THR A 32 7.11 27.91 -4.06
CA THR A 32 8.49 27.95 -3.59
C THR A 32 8.69 26.77 -2.63
N LEU A 33 7.64 26.38 -1.93
CA LEU A 33 7.70 25.20 -1.07
C LEU A 33 8.02 23.95 -1.87
N ILE A 34 7.29 23.75 -2.97
CA ILE A 34 7.56 22.62 -3.86
C ILE A 34 9.00 22.63 -4.32
N THR A 35 9.48 23.79 -4.74
CA THR A 35 10.90 23.92 -5.15
C THR A 35 11.83 23.52 -4.00
N ASP A 36 11.50 23.97 -2.81
CA ASP A 36 12.28 23.66 -1.62
C ASP A 36 12.30 22.17 -1.28
N VAL A 37 11.13 21.54 -1.29
CA VAL A 37 11.02 20.11 -1.01
C VAL A 37 11.84 19.29 -2.00
N ILE A 38 11.73 19.60 -3.30
CA ILE A 38 12.50 18.86 -4.27
C ILE A 38 13.99 19.03 -3.96
N GLY A 39 14.43 20.27 -3.77
CA GLY A 39 15.83 20.53 -3.45
C GLY A 39 16.30 19.75 -2.24
N ARG A 40 15.48 19.76 -1.20
CA ARG A 40 15.84 19.11 0.05
C ARG A 40 15.96 17.61 -0.13
N TYR A 41 15.03 16.97 -0.83
CA TYR A 41 15.13 15.54 -1.07
C TYR A 41 16.45 15.17 -1.76
N HIS A 42 16.87 15.94 -2.76
CA HIS A 42 18.10 15.63 -3.45
C HIS A 42 19.34 15.85 -2.61
N ARG A 43 19.26 16.78 -1.65
CA ARG A 43 20.34 16.97 -0.68
C ARG A 43 20.44 15.75 0.23
N VAL A 44 19.30 15.26 0.70
CA VAL A 44 19.25 14.09 1.58
C VAL A 44 19.81 12.85 0.88
N LYS A 45 19.60 12.74 -0.43
CA LYS A 45 20.23 11.68 -1.24
C LYS A 45 21.75 11.86 -1.40
N GLY A 46 22.30 12.98 -0.95
CA GLY A 46 23.73 13.25 -1.00
C GLY A 46 24.21 13.99 -2.25
N GLU A 47 23.27 14.49 -3.05
CA GLU A 47 23.61 15.18 -4.31
C GLU A 47 23.89 16.65 -4.09
N ARG A 48 24.69 17.23 -4.99
CA ARG A 48 24.82 18.68 -5.08
C ARG A 48 23.51 19.26 -5.61
N VAL A 49 23.03 20.31 -4.96
CA VAL A 49 21.80 20.97 -5.37
C VAL A 49 22.02 22.47 -5.50
N PHE A 50 21.34 23.09 -6.44
CA PHE A 50 21.20 24.54 -6.44
C PHE A 50 19.72 24.85 -6.66
N ALA A 51 19.06 25.38 -5.63
CA ALA A 51 17.63 25.70 -5.68
C ALA A 51 17.47 27.20 -5.84
N LEU A 52 16.55 27.63 -6.71
CA LEU A 52 16.48 29.03 -7.13
C LEU A 52 15.05 29.56 -7.03
N THR A 53 14.88 30.75 -6.43
CA THR A 53 13.60 31.47 -6.45
C THR A 53 13.88 32.95 -6.71
N GLY A 54 12.85 33.74 -6.95
CA GLY A 54 13.07 35.18 -7.03
C GLY A 54 11.87 36.00 -7.45
N THR A 55 12.15 37.21 -7.93
CA THR A 55 11.09 38.17 -8.23
C THR A 55 11.28 38.78 -9.61
N ASP A 56 10.14 39.03 -10.25
CA ASP A 56 10.06 39.47 -11.63
C ASP A 56 9.66 40.92 -11.57
N GLU A 57 10.60 41.83 -11.83
CA GLU A 57 10.43 43.23 -11.41
C GLU A 57 10.22 44.25 -12.54
N HIS A 58 10.46 43.86 -13.80
CA HIS A 58 10.19 44.74 -14.92
C HIS A 58 8.78 44.59 -15.44
N GLY A 59 8.46 45.39 -16.47
CA GLY A 59 7.21 45.26 -17.19
C GLY A 59 6.18 46.31 -16.85
N GLN A 60 5.11 46.35 -17.66
CA GLN A 60 4.05 47.32 -17.54
C GLN A 60 3.20 47.05 -16.31
N LYS A 61 2.97 45.77 -16.01
CA LYS A 61 2.20 45.37 -14.83
C LYS A 61 2.82 46.02 -13.60
N VAL A 62 4.09 45.70 -13.35
CA VAL A 62 4.78 46.20 -12.17
C VAL A 62 4.90 47.73 -12.17
N ALA A 63 5.27 48.31 -13.32
CA ALA A 63 5.46 49.75 -13.41
C ALA A 63 4.18 50.53 -13.11
N GLU A 64 3.05 50.01 -13.57
CA GLU A 64 1.76 50.65 -13.32
C GLU A 64 1.23 50.41 -11.91
N ALA A 65 1.69 49.33 -11.27
CA ALA A 65 1.39 49.09 -9.85
C ALA A 65 2.14 50.11 -8.98
N ALA A 66 3.38 50.41 -9.35
CA ALA A 66 4.20 51.42 -8.69
C ALA A 66 3.62 52.81 -8.90
N LYS A 67 2.99 53.04 -10.06
CA LYS A 67 2.36 54.31 -10.35
C LYS A 67 1.10 54.52 -9.48
N GLN A 68 0.33 53.44 -9.29
CA GLN A 68 -0.85 53.47 -8.41
C GLN A 68 -0.47 53.90 -6.99
N LYS A 69 0.58 53.28 -6.46
CA LYS A 69 1.17 53.65 -5.17
C LYS A 69 1.86 55.02 -5.20
N GLN A 70 1.97 55.64 -6.38
CA GLN A 70 2.64 56.92 -6.54
C GLN A 70 4.06 56.89 -5.97
N VAL A 71 4.87 55.97 -6.48
CA VAL A 71 6.27 55.87 -6.07
C VAL A 71 7.11 55.38 -7.26
N SER A 72 8.41 55.66 -7.23
CA SER A 72 9.33 55.26 -8.31
C SER A 72 9.46 53.74 -8.39
N PRO A 73 9.45 53.19 -9.62
CA PRO A 73 9.62 51.76 -9.82
C PRO A 73 10.82 51.16 -9.09
N TYR A 74 11.94 51.89 -9.05
CA TYR A 74 13.15 51.43 -8.38
C TYR A 74 12.89 51.15 -6.90
N ASP A 75 12.26 52.11 -6.23
CA ASP A 75 11.98 52.01 -4.78
C ASP A 75 10.89 50.98 -4.52
N PHE A 76 9.83 51.04 -5.31
CA PHE A 76 8.70 50.11 -5.21
C PHE A 76 9.12 48.66 -5.35
N THR A 77 9.90 48.35 -6.39
CA THR A 77 10.35 46.99 -6.64
C THR A 77 11.25 46.51 -5.51
N THR A 78 12.15 47.36 -5.02
CA THR A 78 13.03 46.97 -3.91
C THR A 78 12.24 46.71 -2.62
N ALA A 79 11.23 47.51 -2.36
CA ALA A 79 10.41 47.36 -1.14
C ALA A 79 9.59 46.06 -1.17
N VAL A 80 9.12 45.66 -2.34
CA VAL A 80 8.25 44.50 -2.45
C VAL A 80 9.11 43.25 -2.46
N ALA A 81 10.25 43.32 -3.14
CA ALA A 81 11.22 42.23 -3.13
C ALA A 81 11.71 41.97 -1.70
N GLY A 82 11.91 43.03 -0.93
CA GLY A 82 12.14 42.91 0.50
C GLY A 82 11.06 42.10 1.19
N GLU A 83 9.80 42.36 0.84
CA GLU A 83 8.67 41.62 1.42
C GLU A 83 8.75 40.14 1.05
N PHE A 84 9.11 39.84 -0.19
CA PHE A 84 9.26 38.44 -0.57
C PHE A 84 10.35 37.76 0.25
N LYS A 85 11.55 38.33 0.21
CA LYS A 85 12.72 37.82 0.94
C LYS A 85 12.43 37.53 2.39
N LYS A 86 11.76 38.47 3.06
CA LYS A 86 11.43 38.31 4.47
C LYS A 86 10.43 37.17 4.68
N CYS A 87 9.41 37.13 3.84
CA CYS A 87 8.40 36.07 3.89
C CYS A 87 9.03 34.69 3.70
N PHE A 88 9.89 34.55 2.70
CA PHE A 88 10.57 33.26 2.44
C PHE A 88 11.56 32.87 3.53
N GLU A 89 12.19 33.86 4.15
CA GLU A 89 13.09 33.59 5.28
C GLU A 89 12.28 33.07 6.44
N GLN A 90 11.14 33.70 6.69
CA GLN A 90 10.27 33.32 7.79
C GLN A 90 9.59 31.96 7.56
N MET A 91 9.40 31.59 6.29
CA MET A 91 8.83 30.27 5.96
C MET A 91 9.88 29.16 6.10
N ASP A 92 11.13 29.53 6.32
CA ASP A 92 12.18 28.58 6.69
C ASP A 92 12.43 27.57 5.58
N TYR A 93 12.68 28.10 4.38
CA TYR A 93 13.10 27.29 3.27
C TYR A 93 14.60 27.11 3.32
N SER A 94 15.12 26.34 2.38
CA SER A 94 16.55 26.22 2.20
C SER A 94 16.88 26.44 0.72
N ILE A 95 16.58 27.64 0.23
CA ILE A 95 16.80 28.04 -1.15
C ILE A 95 18.23 28.58 -1.27
N ASP A 96 18.91 28.29 -2.36
CA ASP A 96 20.33 28.66 -2.45
C ASP A 96 20.52 30.09 -2.92
N TYR A 97 19.57 30.63 -3.68
CA TYR A 97 19.69 32.00 -4.13
C TYR A 97 18.35 32.62 -4.44
N PHE A 98 18.25 33.90 -4.16
CA PHE A 98 17.08 34.70 -4.48
C PHE A 98 17.50 35.70 -5.57
N ILE A 99 16.87 35.63 -6.74
CA ILE A 99 17.28 36.48 -7.87
C ILE A 99 16.26 37.57 -8.16
N ARG A 100 16.78 38.75 -8.50
CA ARG A 100 15.96 39.88 -8.92
C ARG A 100 16.33 40.27 -10.36
N THR A 101 15.33 40.45 -11.20
CA THR A 101 15.58 40.79 -12.61
C THR A 101 16.14 42.21 -12.82
N THR A 102 16.10 43.05 -11.78
CA THR A 102 16.77 44.35 -11.79
C THR A 102 18.26 44.23 -11.51
N ASN A 103 18.73 43.03 -11.22
CA ASN A 103 20.15 42.79 -11.03
C ASN A 103 20.87 43.07 -12.35
N GLU A 104 22.02 43.72 -12.25
CA GLU A 104 22.79 44.12 -13.41
C GLU A 104 23.37 42.92 -14.16
N GLN A 105 23.74 41.86 -13.43
CA GLN A 105 24.26 40.64 -14.06
C GLN A 105 23.17 39.97 -14.90
N HIS A 106 21.96 39.93 -14.35
CA HIS A 106 20.82 39.42 -15.09
C HIS A 106 20.63 40.14 -16.41
N LYS A 107 20.72 41.46 -16.40
CA LYS A 107 20.57 42.22 -17.63
C LYS A 107 21.63 41.91 -18.67
N ALA A 108 22.87 41.72 -18.21
CA ALA A 108 23.95 41.30 -19.13
C ALA A 108 23.61 39.98 -19.83
N VAL A 109 23.00 39.07 -19.08
CA VAL A 109 22.66 37.75 -19.59
C VAL A 109 21.49 37.83 -20.56
N VAL A 110 20.50 38.63 -20.18
CA VAL A 110 19.40 38.94 -21.11
C VAL A 110 19.95 39.48 -22.45
N LYS A 111 20.90 40.41 -22.42
CA LYS A 111 21.44 40.98 -23.64
C LYS A 111 22.20 39.96 -24.47
N GLU A 112 23.04 39.14 -23.83
CA GLU A 112 23.76 38.08 -24.55
C GLU A 112 22.82 37.08 -25.19
N LEU A 113 21.76 36.69 -24.49
CA LEU A 113 20.81 35.74 -25.05
C LEU A 113 20.11 36.38 -26.24
N TRP A 114 19.59 37.58 -26.02
CA TRP A 114 18.89 38.29 -27.09
C TRP A 114 19.78 38.30 -28.33
N THR A 115 21.01 38.76 -28.17
CA THR A 115 21.97 38.82 -29.26
C THR A 115 22.16 37.47 -29.97
N LYS A 116 22.10 36.36 -29.23
CA LYS A 116 22.19 35.02 -29.85
C LYS A 116 20.99 34.72 -30.73
N LEU A 117 19.79 35.04 -30.24
CA LEU A 117 18.60 34.89 -31.07
C LEU A 117 18.75 35.70 -32.37
N GLU A 118 19.23 36.93 -32.27
CA GLU A 118 19.36 37.79 -33.46
C GLU A 118 20.38 37.22 -34.40
N GLN A 119 21.59 36.96 -33.91
CA GLN A 119 22.67 36.38 -34.73
C GLN A 119 22.26 35.10 -35.43
N LYS A 120 21.43 34.31 -34.76
CA LYS A 120 20.87 33.08 -35.30
C LYS A 120 19.88 33.33 -36.45
N GLY A 121 19.34 34.53 -36.51
CA GLY A 121 18.43 34.93 -37.59
C GLY A 121 16.99 34.74 -37.21
N ASP A 122 16.73 34.57 -35.91
CA ASP A 122 15.40 34.25 -35.45
C ASP A 122 14.67 35.46 -34.86
N ILE A 123 15.20 36.66 -35.14
CA ILE A 123 14.54 37.90 -34.75
C ILE A 123 14.49 38.91 -35.88
N TYR A 124 13.28 39.37 -36.19
CA TYR A 124 13.07 40.37 -37.24
C TYR A 124 12.13 41.47 -36.76
N LEU A 125 12.17 42.58 -37.46
CA LEU A 125 11.30 43.71 -37.12
C LEU A 125 9.96 43.49 -37.78
N GLY A 126 8.91 43.39 -36.96
CA GLY A 126 7.54 43.28 -37.47
C GLY A 126 6.56 44.15 -36.71
N ARG A 127 5.29 43.72 -36.71
CA ARG A 127 4.22 44.32 -35.91
C ARG A 127 3.43 43.26 -35.17
N TYR A 128 2.99 43.57 -33.96
CA TYR A 128 1.91 42.85 -33.33
C TYR A 128 0.65 43.70 -33.38
N GLU A 129 -0.43 43.14 -33.92
CA GLU A 129 -1.73 43.78 -33.89
C GLU A 129 -2.70 42.80 -33.29
N GLY A 130 -2.99 42.94 -31.99
CA GLY A 130 -3.82 41.98 -31.30
C GLY A 130 -4.06 42.27 -29.83
N TRP A 131 -4.73 41.35 -29.16
CA TRP A 131 -5.07 41.52 -27.76
C TRP A 131 -3.88 41.22 -26.85
N TYR A 132 -3.86 41.89 -25.69
CA TYR A 132 -2.82 41.70 -24.71
C TYR A 132 -3.40 41.82 -23.32
N SER A 133 -3.03 40.90 -22.43
CA SER A 133 -3.36 40.99 -21.01
C SER A 133 -2.17 41.53 -20.24
N ILE A 134 -2.25 42.80 -19.85
CA ILE A 134 -1.18 43.43 -19.09
C ILE A 134 -0.93 42.64 -17.79
N SER A 135 -2.01 42.19 -17.14
CA SER A 135 -1.90 41.49 -15.87
C SER A 135 -1.17 40.14 -15.97
N ASP A 136 -1.37 39.42 -17.07
CA ASP A 136 -0.62 38.18 -17.35
C ASP A 136 0.60 38.44 -18.26
N GLU A 137 0.82 39.70 -18.65
CA GLU A 137 1.85 40.06 -19.64
C GLU A 137 1.83 39.05 -20.78
N SER A 138 0.62 38.78 -21.29
CA SER A 138 0.38 37.69 -22.24
C SER A 138 -0.35 38.11 -23.50
N PHE A 139 0.19 37.69 -24.64
CA PHE A 139 -0.47 37.91 -25.92
C PHE A 139 -1.56 36.88 -26.12
N LEU A 140 -2.75 37.32 -26.52
CA LEU A 140 -3.88 36.42 -26.73
C LEU A 140 -4.50 36.58 -28.10
N THR A 141 -4.95 35.47 -28.69
CA THR A 141 -5.70 35.51 -29.96
C THR A 141 -7.18 35.83 -29.66
N PRO A 142 -7.97 36.21 -30.68
CA PRO A 142 -9.36 36.57 -30.44
C PRO A 142 -10.20 35.43 -29.82
N GLN A 143 -9.78 34.20 -30.09
CA GLN A 143 -10.41 33.02 -29.50
C GLN A 143 -10.27 32.97 -27.98
N ASN A 144 -9.30 33.68 -27.40
CA ASN A 144 -9.01 33.60 -25.97
C ASN A 144 -9.48 34.78 -25.12
N ILE A 145 -10.45 35.51 -25.64
CA ILE A 145 -10.97 36.69 -24.99
C ILE A 145 -12.48 36.60 -25.12
N THR A 146 -13.18 37.21 -24.17
CA THR A 146 -14.62 37.19 -24.15
C THR A 146 -15.07 38.52 -23.55
N ASP A 147 -16.37 38.67 -23.34
CA ASP A 147 -16.91 39.90 -22.77
C ASP A 147 -16.93 39.85 -21.24
N GLY A 148 -16.69 41.01 -20.62
CA GLY A 148 -16.74 41.14 -19.18
C GLY A 148 -16.80 42.59 -18.76
N VAL A 149 -16.61 42.84 -17.47
CA VAL A 149 -16.59 44.19 -16.91
C VAL A 149 -15.24 44.53 -16.27
N ASP A 150 -14.92 45.82 -16.27
CA ASP A 150 -13.72 46.33 -15.58
C ASP A 150 -14.11 46.88 -14.21
N LYS A 151 -13.12 47.39 -13.47
CA LYS A 151 -13.35 47.91 -12.12
C LYS A 151 -14.28 49.14 -12.08
N ASP A 152 -14.44 49.82 -13.22
CA ASP A 152 -15.42 50.90 -13.36
C ASP A 152 -16.80 50.41 -13.82
N GLY A 153 -17.01 49.09 -13.81
CA GLY A 153 -18.30 48.50 -14.19
C GLY A 153 -18.69 48.64 -15.64
N ASN A 154 -17.80 49.15 -16.47
CA ASN A 154 -18.09 49.37 -17.88
C ASN A 154 -17.81 48.11 -18.70
N PRO A 155 -18.50 47.95 -19.84
CA PRO A 155 -18.26 46.77 -20.68
C PRO A 155 -16.84 46.79 -21.23
N CYS A 156 -16.15 45.65 -21.15
CA CYS A 156 -14.80 45.52 -21.69
C CYS A 156 -14.58 44.12 -22.23
N LYS A 157 -13.35 43.83 -22.61
CA LYS A 157 -12.98 42.48 -23.00
C LYS A 157 -12.05 41.92 -21.92
N VAL A 158 -12.13 40.61 -21.69
CA VAL A 158 -11.31 39.96 -20.66
C VAL A 158 -10.71 38.69 -21.22
N SER A 159 -9.60 38.26 -20.64
CA SER A 159 -8.95 37.02 -21.06
C SER A 159 -9.79 35.84 -20.62
N LEU A 160 -9.90 34.84 -21.48
CA LEU A 160 -10.54 33.57 -21.12
C LEU A 160 -9.66 32.81 -20.13
N GLU A 161 -8.33 32.86 -20.32
CA GLU A 161 -7.35 32.32 -19.37
C GLU A 161 -7.65 32.79 -17.96
N SER A 162 -7.52 34.09 -17.71
CA SER A 162 -7.38 34.59 -16.33
C SER A 162 -8.51 35.49 -15.83
N GLY A 163 -9.41 35.90 -16.71
CA GLY A 163 -10.46 36.86 -16.38
C GLY A 163 -10.03 38.32 -16.30
N HIS A 164 -8.76 38.60 -16.60
CA HIS A 164 -8.22 39.96 -16.50
C HIS A 164 -8.52 40.79 -17.76
N VAL A 165 -8.57 42.10 -17.59
CA VAL A 165 -8.92 43.01 -18.68
C VAL A 165 -7.87 42.94 -19.77
N VAL A 166 -8.31 42.93 -21.02
CA VAL A 166 -7.41 42.92 -22.18
C VAL A 166 -7.54 44.21 -22.98
N THR A 167 -6.47 44.54 -23.72
CA THR A 167 -6.44 45.74 -24.54
C THR A 167 -5.77 45.45 -25.87
N TRP A 168 -6.17 46.23 -26.87
CA TRP A 168 -5.69 46.02 -28.23
C TRP A 168 -4.37 46.76 -28.38
N VAL A 169 -3.38 46.05 -28.90
CA VAL A 169 -2.04 46.59 -29.05
C VAL A 169 -1.75 46.56 -30.53
N SER A 170 -1.28 47.69 -31.06
CA SER A 170 -0.87 47.77 -32.46
C SER A 170 0.47 48.48 -32.54
N GLU A 171 1.54 47.69 -32.52
CA GLU A 171 2.90 48.21 -32.39
C GLU A 171 3.87 47.55 -33.32
N GLU A 172 4.85 48.32 -33.79
CA GLU A 172 6.03 47.78 -34.42
C GLU A 172 6.88 47.16 -33.31
N ASN A 173 7.07 45.85 -33.38
CA ASN A 173 7.76 45.07 -32.35
C ASN A 173 8.78 44.16 -33.03
N TYR A 174 9.93 43.92 -32.39
CA TYR A 174 10.78 42.81 -32.78
C TYR A 174 10.06 41.49 -32.52
N MET A 175 10.06 40.64 -33.54
CA MET A 175 9.32 39.38 -33.55
C MET A 175 10.30 38.18 -33.52
N PHE A 176 10.01 37.22 -32.63
CA PHE A 176 10.78 35.96 -32.58
C PHE A 176 10.09 34.89 -33.45
N ARG A 177 10.88 34.16 -34.25
CA ARG A 177 10.33 33.18 -35.22
C ARG A 177 9.90 31.86 -34.59
N LEU A 178 9.02 31.95 -33.61
CA LEU A 178 8.46 30.79 -32.90
C LEU A 178 7.80 29.80 -33.86
N SER A 179 7.24 30.32 -34.95
CA SER A 179 6.59 29.47 -35.94
C SER A 179 7.54 28.42 -36.48
N ALA A 180 8.83 28.72 -36.50
CA ALA A 180 9.81 27.83 -37.08
C ALA A 180 10.27 26.74 -36.11
N PHE A 181 9.73 26.71 -34.89
CA PHE A 181 10.14 25.73 -33.89
C PHE A 181 9.05 24.70 -33.58
N ARG A 182 7.99 24.69 -34.39
CA ARG A 182 6.92 23.71 -34.23
C ARG A 182 7.42 22.27 -34.24
N GLU A 183 8.05 21.86 -35.32
CA GLU A 183 8.46 20.46 -35.47
C GLU A 183 9.49 20.05 -34.43
N ARG A 184 10.48 20.89 -34.17
CA ARG A 184 11.48 20.56 -33.13
C ARG A 184 10.90 20.47 -31.72
N LEU A 185 9.90 21.29 -31.41
CA LEU A 185 9.22 21.19 -30.10
C LEU A 185 8.44 19.88 -29.99
N LEU A 186 7.74 19.54 -31.08
CA LEU A 186 6.99 18.29 -31.14
C LEU A 186 7.91 17.07 -30.97
N GLU A 187 9.08 17.12 -31.62
CA GLU A 187 10.08 16.07 -31.45
C GLU A 187 10.49 15.98 -29.99
N TRP A 188 10.70 17.13 -29.35
CA TRP A 188 11.13 17.16 -27.97
C TRP A 188 10.08 16.56 -27.00
N TYR A 189 8.82 16.97 -27.15
CA TYR A 189 7.76 16.41 -26.30
C TYR A 189 7.68 14.90 -26.45
N HIS A 190 7.73 14.44 -27.70
CA HIS A 190 7.55 13.03 -28.00
C HIS A 190 8.73 12.18 -27.60
N ALA A 191 9.93 12.71 -27.78
CA ALA A 191 11.15 12.00 -27.39
C ALA A 191 11.35 11.99 -25.87
N ASN A 192 10.74 12.92 -25.14
CA ASN A 192 10.89 13.01 -23.69
C ASN A 192 9.52 13.08 -23.03
N PRO A 193 8.81 11.95 -22.99
CA PRO A 193 7.42 11.95 -22.55
C PRO A 193 7.21 12.18 -21.04
N GLY A 194 8.30 12.37 -20.29
CA GLY A 194 8.19 12.79 -18.89
C GLY A 194 8.56 14.24 -18.70
N CYS A 195 8.86 14.96 -19.77
CA CYS A 195 9.41 16.30 -19.65
C CYS A 195 8.41 17.35 -19.19
N ILE A 196 7.12 17.05 -19.31
CA ILE A 196 6.08 17.95 -18.78
C ILE A 196 5.20 17.11 -17.85
N VAL A 197 5.00 17.56 -16.61
CA VAL A 197 4.22 16.83 -15.59
C VAL A 197 3.16 17.78 -15.00
N PRO A 198 1.93 17.29 -14.77
CA PRO A 198 1.44 15.93 -15.00
C PRO A 198 1.09 15.72 -16.47
N GLU A 199 0.80 14.48 -16.81
CA GLU A 199 0.64 14.04 -18.19
C GLU A 199 -0.43 14.83 -18.94
N PHE A 200 -1.54 15.17 -18.28
CA PHE A 200 -2.61 15.87 -18.98
C PHE A 200 -2.24 17.29 -19.43
N ARG A 201 -1.28 17.90 -18.75
CA ARG A 201 -0.75 19.20 -19.14
C ARG A 201 0.26 19.01 -20.26
N ARG A 202 0.98 17.89 -20.26
CA ARG A 202 1.79 17.54 -21.42
C ARG A 202 0.94 17.39 -22.68
N ARG A 203 -0.21 16.74 -22.55
CA ARG A 203 -1.14 16.59 -23.66
C ARG A 203 -1.70 17.93 -24.15
N GLU A 204 -1.99 18.86 -23.24
CA GLU A 204 -2.42 20.22 -23.60
C GLU A 204 -1.38 20.93 -24.46
N VAL A 205 -0.12 20.87 -24.02
CA VAL A 205 0.93 21.57 -24.71
C VAL A 205 1.08 21.04 -26.12
N ILE A 206 1.05 19.72 -26.26
CA ILE A 206 1.21 19.09 -27.58
C ILE A 206 0.03 19.45 -28.48
N ARG A 207 -1.19 19.38 -27.97
CA ARG A 207 -2.38 19.81 -28.72
C ARG A 207 -2.22 21.24 -29.26
N ALA A 208 -1.73 22.15 -28.42
CA ALA A 208 -1.60 23.56 -28.81
C ALA A 208 -0.56 23.76 -29.91
N VAL A 209 0.58 23.11 -29.75
CA VAL A 209 1.66 23.21 -30.69
C VAL A 209 1.30 22.49 -31.99
N GLU A 210 0.58 21.37 -31.90
CA GLU A 210 0.09 20.70 -33.11
C GLU A 210 -0.72 21.64 -34.00
N LYS A 211 -1.54 22.50 -33.39
CA LYS A 211 -2.38 23.44 -34.14
C LYS A 211 -1.60 24.49 -34.94
N GLY A 212 -0.37 24.77 -34.52
CA GLY A 212 0.45 25.76 -35.20
C GLY A 212 0.88 26.83 -34.22
N LEU A 213 2.00 27.48 -34.52
CA LEU A 213 2.50 28.54 -33.66
C LEU A 213 2.65 29.80 -34.49
N PRO A 214 2.14 30.92 -33.96
CA PRO A 214 2.46 32.21 -34.54
C PRO A 214 3.81 32.71 -34.01
N ASP A 215 4.39 33.71 -34.67
CA ASP A 215 5.58 34.34 -34.14
C ASP A 215 5.25 35.21 -32.97
N LEU A 216 6.27 35.51 -32.18
CA LEU A 216 6.05 36.10 -30.88
C LEU A 216 6.79 37.42 -30.74
N SER A 217 6.04 38.46 -30.35
CA SER A 217 6.61 39.75 -30.00
C SER A 217 7.49 39.63 -28.76
N VAL A 218 8.77 39.96 -28.93
CA VAL A 218 9.76 39.87 -27.86
C VAL A 218 10.32 41.24 -27.53
N SER A 219 9.74 42.29 -28.10
CA SER A 219 10.08 43.68 -27.73
C SER A 219 8.82 44.49 -27.69
N ARG A 220 8.89 45.66 -27.06
CA ARG A 220 7.77 46.61 -27.04
C ARG A 220 8.32 48.02 -27.14
N ALA A 221 7.57 48.93 -27.76
CA ALA A 221 7.95 50.35 -27.74
C ALA A 221 8.13 50.83 -26.28
N ARG A 222 9.24 51.51 -26.03
CA ARG A 222 9.64 51.90 -24.67
C ARG A 222 8.59 52.73 -23.91
N ALA A 223 7.82 53.53 -24.65
CA ALA A 223 6.78 54.34 -24.00
C ALA A 223 5.71 53.49 -23.33
N THR A 224 5.28 52.42 -23.99
CA THR A 224 4.23 51.55 -23.46
C THR A 224 4.62 50.95 -22.11
N LEU A 225 5.91 50.64 -21.96
CA LEU A 225 6.43 50.04 -20.73
C LEU A 225 6.88 51.06 -19.67
N HIS A 226 6.71 52.36 -19.94
CA HIS A 226 7.16 53.43 -19.05
C HIS A 226 8.67 53.34 -18.79
N ASN A 227 9.40 52.92 -19.82
CA ASN A 227 10.85 52.70 -19.74
C ASN A 227 11.30 51.87 -18.54
N TRP A 228 10.46 50.93 -18.12
CA TRP A 228 10.76 50.06 -17.00
C TRP A 228 10.95 48.62 -17.50
N ALA A 229 12.08 48.43 -18.18
CA ALA A 229 12.41 47.17 -18.82
C ALA A 229 13.86 47.26 -19.34
N ILE A 230 14.34 46.21 -19.99
CA ILE A 230 15.73 46.14 -20.45
C ILE A 230 15.80 46.61 -21.91
N PRO A 231 16.65 47.61 -22.22
CA PRO A 231 16.68 48.04 -23.61
C PRO A 231 17.13 46.94 -24.56
N VAL A 232 16.51 46.88 -25.72
CA VAL A 232 16.94 45.98 -26.77
C VAL A 232 18.31 46.42 -27.26
N PRO A 233 19.29 45.50 -27.32
CA PRO A 233 20.61 45.87 -27.83
C PRO A 233 20.54 46.36 -29.25
N GLY A 234 21.15 47.50 -29.52
CA GLY A 234 21.12 48.10 -30.85
C GLY A 234 19.87 48.90 -31.17
N ASN A 235 18.88 48.89 -30.28
CA ASN A 235 17.67 49.69 -30.50
C ASN A 235 17.06 50.24 -29.19
N PRO A 236 17.49 51.44 -28.79
CA PRO A 236 17.00 52.03 -27.54
C PRO A 236 15.52 52.44 -27.55
N ASP A 237 14.84 52.42 -28.70
CA ASP A 237 13.41 52.72 -28.75
C ASP A 237 12.55 51.55 -28.25
N HIS A 238 13.12 50.35 -28.24
CA HIS A 238 12.42 49.12 -27.83
C HIS A 238 12.94 48.59 -26.51
N VAL A 240 12.99 44.84 -24.18
CA VAL A 240 12.81 43.39 -24.22
C VAL A 240 11.51 42.98 -23.51
N TYR A 241 10.72 42.14 -24.18
CA TYR A 241 9.54 41.51 -23.59
C TYR A 241 9.79 40.98 -22.16
N VAL A 242 9.00 41.44 -21.20
CA VAL A 242 9.19 41.06 -19.80
C VAL A 242 9.35 39.55 -19.61
N TRP A 243 8.64 38.76 -20.39
CA TRP A 243 8.71 37.30 -20.25
C TRP A 243 10.02 36.71 -20.80
N LEU A 244 10.59 37.29 -21.85
CA LEU A 244 11.89 36.81 -22.34
C LEU A 244 12.95 37.12 -21.27
N ASP A 245 12.90 38.35 -20.76
CA ASP A 245 13.66 38.82 -19.61
C ASP A 245 13.46 37.88 -18.41
N ALA A 246 12.21 37.59 -18.09
CA ALA A 246 11.91 36.77 -16.92
C ALA A 246 12.45 35.33 -17.04
N LEU A 247 12.28 34.73 -18.20
CA LEU A 247 12.70 33.32 -18.36
C LEU A 247 14.21 33.18 -18.26
N THR A 248 14.91 34.23 -18.63
CA THR A 248 16.36 34.22 -18.65
C THR A 248 16.93 34.09 -17.24
N ASN A 249 16.13 34.37 -16.23
CA ASN A 249 16.60 34.32 -14.83
C ASN A 249 17.14 32.95 -14.48
N TYR A 250 16.57 31.92 -15.09
CA TYR A 250 17.02 30.57 -14.86
C TYR A 250 18.44 30.40 -15.40
N LEU A 251 18.73 31.02 -16.55
CA LEU A 251 20.09 30.98 -17.14
C LEU A 251 21.08 31.84 -16.32
N THR A 252 20.61 33.01 -15.91
CA THR A 252 21.38 33.90 -15.04
C THR A 252 21.75 33.26 -13.70
N GLY A 253 20.76 32.70 -13.03
CA GLY A 253 20.99 32.00 -11.76
C GLY A 253 22.00 30.88 -11.91
N SER A 254 21.95 30.17 -13.04
CA SER A 254 22.86 29.07 -13.31
C SER A 254 24.29 29.56 -13.50
N ARG A 255 24.48 30.87 -13.65
CA ARG A 255 25.81 31.45 -13.88
C ARG A 255 26.31 32.36 -12.76
N LEU A 256 25.58 32.46 -11.65
CA LEU A 256 26.00 33.28 -10.53
C LEU A 256 26.77 32.50 -9.47
N ARG A 257 27.95 32.99 -9.12
CA ARG A 257 28.67 32.53 -7.92
C ARG A 257 28.16 33.28 -6.70
N VAL A 258 27.79 32.53 -5.68
CA VAL A 258 27.09 33.06 -4.50
C VAL A 258 27.94 32.85 -3.25
N ASP A 259 28.21 33.92 -2.51
CA ASP A 259 28.98 33.82 -1.24
C ASP A 259 28.13 33.25 -0.11
N GLU A 260 28.76 33.01 1.04
CA GLU A 260 28.06 32.44 2.20
C GLU A 260 26.85 33.28 2.65
N SER A 261 26.97 34.60 2.47
CA SER A 261 25.88 35.54 2.76
C SER A 261 24.65 35.42 1.83
N GLY A 262 24.77 34.66 0.73
CA GLY A 262 23.67 34.50 -0.23
C GLY A 262 23.63 35.61 -1.27
N LYS A 263 24.76 36.31 -1.40
CA LYS A 263 24.88 37.44 -2.30
C LYS A 263 25.66 37.02 -3.55
N GLU A 264 25.18 37.47 -4.71
CA GLU A 264 25.88 37.22 -5.98
C GLU A 264 27.19 38.01 -5.97
N VAL A 265 28.31 37.32 -6.19
CA VAL A 265 29.60 38.01 -6.25
C VAL A 265 30.29 37.88 -7.62
N SER A 266 29.69 37.15 -8.55
CA SER A 266 30.31 36.98 -9.87
C SER A 266 29.38 36.31 -10.87
N LEU A 267 29.44 36.74 -12.13
CA LEU A 267 28.76 36.10 -13.23
C LEU A 267 29.78 35.42 -14.12
N VAL A 268 29.72 34.09 -14.24
CA VAL A 268 30.65 33.38 -15.12
C VAL A 268 30.24 33.52 -16.58
N ASP A 269 31.21 33.47 -17.48
CA ASP A 269 30.94 33.61 -18.92
C ASP A 269 30.15 32.43 -19.48
N ASP A 270 30.50 31.23 -19.04
CA ASP A 270 30.03 29.98 -19.61
C ASP A 270 29.36 29.15 -18.50
N PHE A 271 28.10 28.73 -18.71
CA PHE A 271 27.31 28.03 -17.68
C PHE A 271 27.92 26.69 -17.22
N ASN A 272 28.63 25.98 -18.09
CA ASN A 272 29.23 24.69 -17.70
C ASN A 272 30.15 24.80 -16.50
N GLU A 273 30.77 25.96 -16.33
CA GLU A 273 31.67 26.21 -15.20
C GLU A 273 31.01 25.92 -13.83
N LEU A 274 29.71 26.18 -13.72
CA LEU A 274 29.00 25.93 -12.47
C LEU A 274 28.17 24.65 -12.49
N GLU A 275 28.06 24.04 -13.68
CA GLU A 275 27.43 22.73 -13.86
C GLU A 275 25.95 22.67 -13.44
N ARG A 276 25.22 23.79 -13.56
CA ARG A 276 23.79 23.84 -13.16
C ARG A 276 22.83 23.73 -14.35
N PHE A 277 23.09 24.52 -15.38
CA PHE A 277 22.18 24.60 -16.51
C PHE A 277 22.29 23.33 -17.36
N PRO A 278 21.15 22.82 -17.90
CA PRO A 278 19.77 23.30 -17.81
C PRO A 278 19.09 22.79 -16.55
N ALA A 279 17.93 23.35 -16.21
CA ALA A 279 17.27 23.00 -14.95
C ALA A 279 16.82 21.56 -15.00
N ASP A 280 17.00 20.85 -13.91
CA ASP A 280 16.50 19.50 -13.82
C ASP A 280 14.98 19.54 -13.65
N VAL A 281 14.50 20.50 -12.86
CA VAL A 281 13.07 20.68 -12.66
C VAL A 281 12.68 22.15 -12.55
N HIS A 282 11.81 22.61 -13.45
CA HIS A 282 11.17 23.90 -13.33
C HIS A 282 9.81 23.71 -12.64
N VAL A 283 9.63 24.24 -11.43
CA VAL A 283 8.32 24.21 -10.77
C VAL A 283 7.55 25.44 -11.21
N ILE A 284 6.29 25.25 -11.63
CA ILE A 284 5.42 26.37 -11.99
C ILE A 284 3.97 26.12 -11.66
N GLY A 285 3.18 27.17 -11.71
CA GLY A 285 1.72 27.05 -11.73
C GLY A 285 1.22 26.87 -13.14
N LYS A 286 0.02 26.30 -13.27
CA LYS A 286 -0.63 26.05 -14.55
C LYS A 286 -0.82 27.33 -15.35
N ASP A 287 -1.05 28.44 -14.65
CA ASP A 287 -1.18 29.75 -15.32
C ASP A 287 -0.03 30.12 -16.29
N ILE A 288 1.18 29.62 -16.06
CA ILE A 288 2.33 30.04 -16.90
C ILE A 288 2.97 28.90 -17.70
N LEU A 289 2.14 27.92 -18.06
CA LEU A 289 2.58 26.76 -18.81
C LEU A 289 3.15 27.10 -20.19
N LYS A 290 2.47 27.98 -20.93
CA LYS A 290 2.88 28.24 -22.30
C LYS A 290 4.27 28.87 -22.39
N PHE A 291 4.59 29.73 -21.41
CA PHE A 291 5.86 30.45 -21.42
C PHE A 291 7.04 29.48 -21.20
N HIS A 292 6.82 28.45 -20.39
CA HIS A 292 7.86 27.46 -20.06
C HIS A 292 7.96 26.26 -21.00
N ALA A 293 6.84 25.83 -21.60
CA ALA A 293 6.84 24.61 -22.40
C ALA A 293 6.90 24.85 -23.89
N ILE A 294 6.58 26.08 -24.31
CA ILE A 294 6.63 26.47 -25.71
C ILE A 294 7.71 27.54 -25.97
N TYR A 295 7.57 28.71 -25.34
CA TYR A 295 8.46 29.84 -25.65
C TYR A 295 9.90 29.51 -25.24
N TRP A 296 10.06 29.17 -23.96
CA TRP A 296 11.37 28.96 -23.38
C TRP A 296 12.22 27.92 -24.12
N PRO A 297 11.67 26.73 -24.40
CA PRO A 297 12.49 25.78 -25.15
C PRO A 297 12.77 26.22 -26.60
N ALA A 298 11.89 27.04 -27.18
CA ALA A 298 12.14 27.60 -28.50
C ALA A 298 13.31 28.59 -28.51
N PHE A 299 13.36 29.45 -27.49
CA PHE A 299 14.47 30.38 -27.27
C PHE A 299 15.77 29.62 -27.08
N LEU A 300 15.73 28.60 -26.24
CA LEU A 300 16.90 27.76 -25.99
C LEU A 300 17.34 27.05 -27.27
N LEU A 301 16.40 26.53 -28.03
CA LEU A 301 16.70 25.84 -29.28
C LEU A 301 17.36 26.78 -30.31
N SER A 302 16.88 28.03 -30.36
CA SER A 302 17.46 29.04 -31.26
C SER A 302 18.89 29.38 -30.84
N ALA A 303 19.07 29.60 -29.54
CA ALA A 303 20.37 30.01 -28.99
C ALA A 303 21.42 28.88 -28.96
N GLY A 304 21.01 27.63 -29.18
CA GLY A 304 21.94 26.51 -29.06
C GLY A 304 22.20 26.13 -27.60
N LEU A 305 21.19 26.28 -26.74
CA LEU A 305 21.35 25.92 -25.33
C LEU A 305 20.61 24.63 -25.00
N PRO A 306 21.11 23.87 -24.01
CA PRO A 306 20.40 22.65 -23.63
C PRO A 306 19.04 22.97 -23.03
N LEU A 307 18.08 22.06 -23.18
CA LEU A 307 16.70 22.27 -22.71
C LEU A 307 16.53 21.73 -21.31
N PRO A 308 15.53 22.22 -20.57
CA PRO A 308 15.30 21.64 -19.24
C PRO A 308 14.92 20.16 -19.31
N LYS A 309 14.92 19.48 -18.17
CA LYS A 309 14.60 18.05 -18.14
C LYS A 309 13.13 17.82 -17.83
N LYS A 310 12.62 18.52 -16.82
CA LYS A 310 11.23 18.44 -16.40
C LYS A 310 10.67 19.84 -16.17
N ILE A 311 9.43 20.03 -16.59
CA ILE A 311 8.61 21.15 -16.16
C ILE A 311 7.44 20.53 -15.38
N VAL A 312 7.30 20.85 -14.09
CA VAL A 312 6.13 20.38 -13.33
C VAL A 312 5.19 21.54 -13.04
N ALA A 313 3.95 21.43 -13.55
CA ALA A 313 2.93 22.45 -13.39
C ALA A 313 1.88 22.04 -12.34
N HIS A 314 1.90 22.67 -11.18
CA HIS A 314 0.91 22.32 -10.13
C HIS A 314 -0.43 22.99 -10.42
N GLY A 315 -1.41 22.74 -9.57
CA GLY A 315 -2.78 23.15 -9.83
C GLY A 315 -3.16 24.54 -9.35
N TRP A 316 -2.29 25.18 -8.58
CA TRP A 316 -2.57 26.53 -8.11
C TRP A 316 -2.34 27.59 -9.19
N TRP A 317 -2.88 28.78 -8.93
CA TRP A 317 -2.60 29.98 -9.69
C TRP A 317 -1.46 30.77 -9.06
N THR A 318 -0.30 30.78 -9.71
CA THR A 318 0.82 31.63 -9.32
C THR A 318 0.39 33.11 -9.36
N GLY A 329 -13.14 39.24 0.83
CA GLY A 329 -14.06 38.31 1.47
C GLY A 329 -13.41 37.15 2.20
N ASN A 330 -12.19 36.77 1.78
CA ASN A 330 -11.51 35.60 2.35
C ASN A 330 -9.98 35.59 2.10
N VAL A 331 -9.22 35.33 3.17
CA VAL A 331 -7.75 35.30 3.11
C VAL A 331 -7.21 34.08 3.87
N PHE A 332 -6.04 33.61 3.44
CA PHE A 332 -5.31 32.55 4.11
C PHE A 332 -3.84 32.98 4.12
N ASP A 333 -3.40 33.56 5.24
CA ASP A 333 -2.04 34.06 5.37
C ASP A 333 -1.09 32.92 5.74
N PRO A 334 -0.01 32.74 4.95
CA PRO A 334 0.89 31.61 5.20
C PRO A 334 1.56 31.67 6.57
N VAL A 335 2.21 32.78 6.90
CA VAL A 335 2.93 32.90 8.16
C VAL A 335 1.97 32.90 9.37
N GLU A 336 0.81 33.52 9.22
CA GLU A 336 -0.18 33.55 10.29
C GLU A 336 -0.68 32.14 10.61
N LYS A 337 -0.82 31.30 9.59
CA LYS A 337 -1.26 29.91 9.79
C LYS A 337 -0.13 29.05 10.37
N ALA A 338 1.11 29.38 10.05
CA ALA A 338 2.27 28.62 10.57
C ALA A 338 2.50 28.88 12.06
N GLU A 339 2.35 30.13 12.49
CA GLU A 339 2.46 30.47 13.90
C GLU A 339 1.41 29.71 14.73
N GLU A 340 0.23 29.49 14.14
CA GLU A 340 -0.86 28.83 14.85
C GLU A 340 -0.79 27.30 14.83
N PHE A 341 -0.41 26.71 13.70
CA PHE A 341 -0.42 25.26 13.53
C PHE A 341 0.98 24.64 13.41
N GLY A 342 1.99 25.45 13.12
CA GLY A 342 3.36 24.96 12.97
C GLY A 342 3.84 25.03 11.52
N TYR A 343 5.10 25.38 11.34
CA TYR A 343 5.68 25.48 10.03
C TYR A 343 5.70 24.12 9.31
N ASP A 344 6.21 23.11 9.99
CA ASP A 344 6.28 21.80 9.37
C ASP A 344 4.90 21.22 9.10
N ALA A 345 3.96 21.41 10.02
CA ALA A 345 2.59 20.94 9.85
C ALA A 345 1.90 21.62 8.66
N LEU A 346 1.96 22.94 8.64
CA LEU A 346 1.42 23.69 7.52
C LEU A 346 2.01 23.21 6.18
N LYS A 347 3.30 22.95 6.17
CA LYS A 347 3.95 22.52 4.92
C LYS A 347 3.51 21.14 4.51
N TYR A 348 3.28 20.28 5.50
CA TYR A 348 2.78 18.92 5.27
C TYR A 348 1.38 19.01 4.68
N PHE A 349 0.50 19.69 5.39
CA PHE A 349 -0.85 19.89 4.89
C PHE A 349 -0.88 20.38 3.43
N LEU A 350 -0.15 21.44 3.13
CA LEU A 350 -0.18 21.98 1.78
C LEU A 350 0.22 20.92 0.75
N LEU A 351 1.20 20.11 1.08
CA LEU A 351 1.68 19.07 0.17
C LEU A 351 0.85 17.79 0.19
N ARG A 352 0.20 17.46 1.32
CA ARG A 352 -0.65 16.28 1.43
C ARG A 352 -2.01 16.51 0.77
N GLU A 353 -2.60 17.68 1.02
CA GLU A 353 -3.94 18.00 0.55
C GLU A 353 -4.00 18.31 -0.95
N SER A 354 -2.89 18.77 -1.51
CA SER A 354 -2.88 19.30 -2.88
C SER A 354 -2.26 18.35 -3.92
N GLY A 355 -3.09 17.83 -4.80
CA GLY A 355 -2.62 17.11 -5.99
C GLY A 355 -2.42 18.05 -7.16
N PHE A 356 -2.38 17.48 -8.36
CA PHE A 356 -2.21 18.26 -9.60
C PHE A 356 -3.52 18.79 -10.16
N SER A 357 -4.64 18.19 -9.75
CA SER A 357 -5.98 18.66 -10.14
C SER A 357 -6.39 19.86 -9.30
N ASP A 358 -5.79 20.00 -8.12
CA ASP A 358 -6.09 21.09 -7.18
C ASP A 358 -7.58 21.30 -6.91
N ASP A 359 -8.17 20.32 -6.23
CA ASP A 359 -9.54 20.39 -5.75
C ASP A 359 -9.47 20.28 -4.23
N GLY A 360 -8.69 21.17 -3.63
CA GLY A 360 -8.27 21.02 -2.24
C GLY A 360 -9.15 21.71 -1.22
N ASP A 361 -9.35 21.02 -0.09
CA ASP A 361 -10.08 21.54 1.05
C ASP A 361 -9.06 22.13 2.01
N TYR A 362 -8.91 23.46 1.99
CA TYR A 362 -7.90 24.15 2.79
C TYR A 362 -8.47 24.83 4.04
N SER A 363 -9.54 24.25 4.58
CA SER A 363 -10.20 24.80 5.76
C SER A 363 -9.46 24.48 7.05
N ASP A 364 -9.73 25.25 8.10
CA ASP A 364 -9.21 24.95 9.45
C ASP A 364 -9.59 23.54 9.89
N LYS A 365 -10.81 23.13 9.55
CA LYS A 365 -11.34 21.86 9.99
C LYS A 365 -10.53 20.71 9.42
N ASN A 366 -10.21 20.81 8.13
CA ASN A 366 -9.41 19.78 7.49
C ASN A 366 -7.94 19.81 7.93
N MET A 367 -7.41 21.01 8.16
N MET A 367 -7.42 21.02 8.15
CA MET A 367 -6.05 21.17 8.67
CA MET A 367 -6.05 21.18 8.67
C MET A 367 -5.92 20.51 10.03
C MET A 367 -5.91 20.52 10.03
N ILE A 368 -6.90 20.73 10.90
CA ILE A 368 -6.91 20.14 12.23
C ILE A 368 -7.12 18.63 12.17
N ALA A 369 -7.90 18.15 11.21
CA ALA A 369 -8.12 16.72 11.01
C ALA A 369 -6.83 15.98 10.62
N ARG A 370 -5.98 16.62 9.82
CA ARG A 370 -4.74 15.99 9.39
C ARG A 370 -3.64 16.08 10.43
N LEU A 371 -3.61 17.18 11.17
CA LEU A 371 -2.63 17.36 12.22
C LEU A 371 -2.87 16.27 13.27
N ASN A 372 -4.10 16.23 13.81
CA ASN A 372 -4.50 15.21 14.78
C ASN A 372 -4.43 13.79 14.24
N GLY A 373 -4.77 13.63 12.96
CA GLY A 373 -4.98 12.32 12.38
C GLY A 373 -3.70 11.65 11.93
N GLU A 374 -2.91 12.37 11.15
CA GLU A 374 -1.71 11.81 10.56
C GLU A 374 -0.45 12.19 11.36
N LEU A 375 -0.24 13.46 11.63
CA LEU A 375 0.97 13.85 12.37
C LEU A 375 0.94 13.43 13.85
N ALA A 376 -0.17 13.70 14.52
CA ALA A 376 -0.24 13.42 15.94
C ALA A 376 -0.41 11.92 16.21
N ASP A 377 -1.51 11.36 15.69
CA ASP A 377 -1.90 9.97 15.95
C ASP A 377 -1.02 8.96 15.19
N THR A 378 -0.80 9.16 13.90
CA THR A 378 0.00 8.16 13.17
C THR A 378 1.49 8.29 13.47
N LEU A 379 2.09 9.45 13.19
CA LEU A 379 3.54 9.64 13.41
C LEU A 379 3.92 9.88 14.90
N GLY A 380 3.29 10.86 15.52
CA GLY A 380 3.66 11.27 16.87
C GLY A 380 3.50 10.20 17.92
N ASN A 381 2.34 9.57 17.96
CA ASN A 381 2.11 8.47 18.89
C ASN A 381 3.14 7.34 18.69
N LEU A 382 3.48 7.06 17.44
CA LEU A 382 4.44 6.01 17.15
C LEU A 382 5.85 6.31 17.68
N VAL A 383 6.28 7.57 17.53
CA VAL A 383 7.59 8.01 18.03
C VAL A 383 7.65 7.91 19.55
N MET A 384 6.59 8.32 20.22
CA MET A 384 6.55 8.30 21.69
C MET A 384 6.56 6.87 22.21
N ARG A 385 5.81 5.98 21.56
CA ARG A 385 5.74 4.58 21.99
C ARG A 385 7.09 3.91 22.04
N CYS A 386 7.80 3.92 20.90
CA CYS A 386 9.06 3.21 20.77
C CYS A 386 10.22 3.92 21.46
N THR A 387 10.01 5.17 21.88
CA THR A 387 10.98 5.86 22.75
C THR A 387 10.61 5.89 24.24
N SER A 388 9.37 5.60 24.62
CA SER A 388 8.97 5.82 26.05
C SER A 388 9.70 4.89 27.03
N ALA A 389 9.83 5.34 28.27
CA ALA A 389 10.49 4.56 29.31
C ALA A 389 9.72 3.30 29.65
N LYS A 390 8.42 3.31 29.36
CA LYS A 390 7.55 2.20 29.73
C LYS A 390 7.76 0.99 28.82
N ILE A 391 8.12 1.23 27.56
CA ILE A 391 8.28 0.16 26.57
C ILE A 391 9.75 -0.08 26.26
N ASN A 392 10.47 0.99 25.90
CA ASN A 392 11.93 0.94 25.76
C ASN A 392 12.58 1.22 27.12
N VAL A 393 12.62 0.19 27.96
CA VAL A 393 13.09 0.32 29.33
C VAL A 393 14.56 0.76 29.43
N ASN A 394 15.38 0.38 28.45
CA ASN A 394 16.82 0.65 28.49
C ASN A 394 17.28 1.83 27.61
N GLY A 395 16.33 2.62 27.11
CA GLY A 395 16.65 3.83 26.35
C GLY A 395 17.67 3.58 25.26
N GLU A 396 17.48 2.51 24.50
CA GLU A 396 18.42 2.14 23.45
C GLU A 396 17.76 1.33 22.36
N TRP A 397 18.42 1.23 21.20
CA TRP A 397 18.00 0.32 20.16
C TRP A 397 18.38 -1.08 20.58
N PRO A 398 17.37 -1.96 20.81
CA PRO A 398 17.72 -3.30 21.22
C PRO A 398 18.15 -4.11 20.01
N SER A 399 18.77 -5.24 20.27
CA SER A 399 19.15 -6.20 19.26
C SER A 399 17.98 -7.18 19.05
N PRO A 400 17.53 -7.34 17.80
CA PRO A 400 16.36 -8.19 17.55
C PRO A 400 16.67 -9.68 17.72
N ALA A 401 15.65 -10.44 18.10
CA ALA A 401 15.72 -11.89 18.08
C ALA A 401 15.28 -12.37 16.68
N ALA A 402 14.91 -13.64 16.54
CA ALA A 402 14.44 -14.15 15.23
C ALA A 402 13.08 -13.55 14.83
N TYR A 403 12.94 -13.31 13.53
CA TYR A 403 11.75 -12.69 12.99
C TYR A 403 10.67 -13.71 12.65
N THR A 404 9.41 -13.37 12.92
CA THR A 404 8.26 -14.15 12.46
C THR A 404 7.89 -13.70 11.04
N GLU A 405 6.90 -14.35 10.45
CA GLU A 405 6.44 -13.93 9.11
C GLU A 405 5.79 -12.56 9.15
N GLU A 406 5.03 -12.31 10.21
CA GLU A 406 4.39 -11.03 10.40
C GLU A 406 5.42 -9.92 10.55
N ASP A 407 6.49 -10.20 11.30
CA ASP A 407 7.63 -9.29 11.42
C ASP A 407 8.17 -8.95 10.07
N GLU A 408 8.43 -10.00 9.28
CA GLU A 408 9.03 -9.82 7.95
C GLU A 408 8.11 -9.16 6.95
N SER A 409 6.80 -9.31 7.11
CA SER A 409 5.89 -8.62 6.20
C SER A 409 6.11 -7.12 6.36
N LEU A 410 6.25 -6.68 7.61
CA LEU A 410 6.49 -5.27 7.89
C LEU A 410 7.87 -4.79 7.44
N ILE A 411 8.88 -5.61 7.69
CA ILE A 411 10.25 -5.31 7.30
C ILE A 411 10.32 -5.12 5.78
N GLN A 412 9.54 -5.90 5.03
CA GLN A 412 9.58 -5.82 3.59
C GLN A 412 8.97 -4.50 3.13
N LEU A 413 7.91 -4.06 3.80
CA LEU A 413 7.27 -2.78 3.46
C LEU A 413 8.23 -1.63 3.69
N ILE A 414 9.00 -1.75 4.75
CA ILE A 414 10.00 -0.73 5.10
C ILE A 414 11.17 -0.77 4.13
N LYS A 415 11.58 -1.97 3.75
CA LYS A 415 12.65 -2.15 2.79
C LYS A 415 12.29 -1.60 1.43
N ASP A 416 11.05 -1.81 0.98
CA ASP A 416 10.63 -1.39 -0.36
C ASP A 416 10.34 0.12 -0.43
N LEU A 417 10.02 0.73 0.73
CA LEU A 417 9.59 2.12 0.77
C LEU A 417 10.51 3.14 0.10
N PRO A 418 11.83 3.02 0.27
CA PRO A 418 12.70 4.04 -0.33
C PRO A 418 12.65 4.06 -1.86
N GLY A 419 12.72 2.89 -2.50
CA GLY A 419 12.63 2.83 -3.97
C GLY A 419 11.33 3.41 -4.50
N THR A 420 10.24 3.19 -3.77
CA THR A 420 8.91 3.66 -4.18
C THR A 420 8.79 5.18 -4.01
N ALA A 421 9.22 5.68 -2.86
CA ALA A 421 9.16 7.11 -2.55
C ALA A 421 10.10 7.90 -3.47
N ASP A 422 11.28 7.35 -3.70
CA ASP A 422 12.22 7.95 -4.60
C ASP A 422 11.61 8.22 -5.98
N HIS A 423 10.92 7.21 -6.53
CA HIS A 423 10.25 7.38 -7.80
C HIS A 423 9.25 8.52 -7.76
N TYR A 424 8.44 8.58 -6.71
CA TYR A 424 7.45 9.65 -6.59
C TYR A 424 8.08 11.04 -6.51
N TYR A 425 9.08 11.21 -5.65
CA TYR A 425 9.86 12.45 -5.56
C TYR A 425 10.46 12.89 -6.90
N LEU A 426 10.77 11.92 -7.75
CA LEU A 426 11.39 12.20 -9.04
C LEU A 426 10.41 12.48 -10.18
N ILE A 427 9.15 12.10 -10.03
CA ILE A 427 8.16 12.37 -11.08
C ILE A 427 8.17 13.86 -11.51
N PRO A 428 8.00 14.82 -10.55
CA PRO A 428 7.86 14.67 -9.11
C PRO A 428 6.39 14.75 -8.68
N ASP A 429 6.02 13.96 -7.69
CA ASP A 429 4.67 13.99 -7.16
C ASP A 429 4.79 13.81 -5.67
N ILE A 430 4.93 14.94 -4.98
CA ILE A 430 5.22 14.94 -3.55
C ILE A 430 4.07 14.37 -2.70
N GLN A 431 2.84 14.64 -3.11
CA GLN A 431 1.67 14.04 -2.49
C GLN A 431 1.75 12.50 -2.47
N LYS A 432 2.13 11.90 -3.59
CA LYS A 432 2.24 10.44 -3.66
C LYS A 432 3.34 9.88 -2.76
N ALA A 433 4.51 10.52 -2.75
CA ALA A 433 5.54 10.16 -1.79
C ALA A 433 5.06 10.26 -0.31
N ILE A 434 4.25 11.26 0.01
CA ILE A 434 3.81 11.43 1.38
C ILE A 434 2.82 10.33 1.77
N ILE A 435 1.85 10.10 0.90
CA ILE A 435 0.88 9.05 1.08
C ILE A 435 1.59 7.70 1.23
N ALA A 436 2.60 7.42 0.40
CA ALA A 436 3.30 6.14 0.54
C ALA A 436 4.02 5.97 1.90
N VAL A 437 4.62 7.04 2.42
CA VAL A 437 5.34 6.90 3.67
C VAL A 437 4.32 6.70 4.81
N PHE A 438 3.21 7.44 4.79
CA PHE A 438 2.17 7.23 5.81
C PHE A 438 1.45 5.90 5.68
N ASP A 439 1.40 5.35 4.46
CA ASP A 439 0.91 3.99 4.25
C ASP A 439 1.73 3.05 5.11
N VAL A 440 3.04 3.25 5.12
CA VAL A 440 3.94 2.43 5.91
C VAL A 440 3.86 2.74 7.41
N LEU A 441 3.65 4.00 7.78
CA LEU A 441 3.50 4.35 9.18
C LEU A 441 2.22 3.72 9.75
N ARG A 442 1.13 3.74 8.98
CA ARG A 442 -0.13 3.15 9.40
C ARG A 442 0.07 1.65 9.69
N ALA A 443 0.80 0.99 8.80
CA ALA A 443 1.11 -0.43 8.99
C ALA A 443 1.93 -0.69 10.28
N ILE A 444 2.89 0.17 10.58
CA ILE A 444 3.71 -0.01 11.77
C ILE A 444 2.84 0.11 13.03
N ASN A 445 1.93 1.08 13.04
CA ASN A 445 1.00 1.24 14.13
C ASN A 445 0.14 -0.01 14.33
N ALA A 446 -0.28 -0.60 13.21
CA ALA A 446 -1.14 -1.76 13.21
C ALA A 446 -0.35 -2.94 13.76
N TYR A 447 0.89 -3.06 13.32
CA TYR A 447 1.81 -4.03 13.91
C TYR A 447 2.01 -3.84 15.42
N VAL A 448 2.19 -2.59 15.88
CA VAL A 448 2.46 -2.34 17.28
C VAL A 448 1.27 -2.75 18.16
N THR A 449 0.09 -2.25 17.80
CA THR A 449 -1.21 -2.67 18.34
C THR A 449 -1.37 -4.19 18.35
N ASP A 450 -0.96 -4.83 17.27
CA ASP A 450 -1.03 -6.28 17.14
C ASP A 450 -0.13 -6.96 18.17
N MET A 451 1.05 -6.40 18.40
CA MET A 451 2.05 -7.03 19.25
C MET A 451 1.98 -6.59 20.72
N ALA A 452 1.23 -5.52 21.01
CA ALA A 452 1.08 -4.98 22.38
C ALA A 452 2.38 -5.04 23.19
N PRO A 453 3.43 -4.33 22.73
CA PRO A 453 4.74 -4.36 23.40
C PRO A 453 4.68 -3.92 24.86
N TRP A 454 3.70 -3.10 25.20
CA TRP A 454 3.47 -2.75 26.60
C TRP A 454 3.27 -4.01 27.47
N LYS A 455 2.52 -4.98 26.96
CA LYS A 455 2.35 -6.26 27.69
C LYS A 455 3.65 -7.05 27.73
N LEU A 456 4.37 -7.07 26.60
CA LEU A 456 5.58 -7.90 26.46
C LEU A 456 6.69 -7.60 27.47
N VAL A 457 6.82 -6.35 27.90
CA VAL A 457 7.81 -6.00 28.94
C VAL A 457 7.84 -7.06 30.04
N LYS A 458 6.66 -7.48 30.48
CA LYS A 458 6.51 -8.59 31.43
C LYS A 458 6.60 -9.95 30.74
N THR A 459 5.66 -10.23 29.83
CA THR A 459 5.48 -11.57 29.24
C THR A 459 6.72 -12.14 28.58
N ASP A 460 7.38 -11.34 27.75
CA ASP A 460 8.43 -11.85 26.87
C ASP A 460 9.39 -10.73 26.46
N PRO A 461 10.51 -10.60 27.19
CA PRO A 461 11.54 -9.61 26.89
C PRO A 461 12.21 -9.83 25.55
N GLU A 462 12.48 -11.08 25.22
CA GLU A 462 13.15 -11.40 23.95
C GLU A 462 12.27 -10.95 22.79
N ARG A 463 10.97 -11.22 22.90
CA ARG A 463 10.05 -10.81 21.84
C ARG A 463 9.98 -9.28 21.78
N LEU A 464 9.88 -8.64 22.95
CA LEU A 464 9.85 -7.17 23.01
C LEU A 464 11.03 -6.52 22.26
N ARG A 465 12.21 -7.14 22.34
CA ARG A 465 13.38 -6.64 21.63
C ARG A 465 13.12 -6.54 20.14
N THR A 466 12.60 -7.62 19.56
CA THR A 466 12.38 -7.70 18.12
C THR A 466 11.40 -6.64 17.63
N VAL A 467 10.25 -6.57 18.31
CA VAL A 467 9.17 -5.66 17.98
C VAL A 467 9.65 -4.20 18.04
N LEU A 468 10.36 -3.88 19.11
CA LEU A 468 10.90 -2.55 19.32
C LEU A 468 11.93 -2.19 18.26
N TYR A 469 12.85 -3.09 17.99
CA TYR A 469 13.85 -2.83 16.95
C TYR A 469 13.19 -2.51 15.61
N ILE A 470 12.22 -3.32 15.21
CA ILE A 470 11.54 -3.13 13.91
C ILE A 470 10.80 -1.80 13.87
N THR A 471 10.22 -1.43 15.00
CA THR A 471 9.49 -0.18 15.10
C THR A 471 10.40 1.03 14.98
N LEU A 472 11.51 1.03 15.73
CA LEU A 472 12.46 2.15 15.72
C LEU A 472 12.99 2.33 14.30
N GLU A 473 13.30 1.22 13.66
CA GLU A 473 13.88 1.26 12.35
C GLU A 473 12.87 1.67 11.31
N GLY A 474 11.60 1.36 11.56
CA GLY A 474 10.53 1.84 10.70
C GLY A 474 10.28 3.33 10.85
N VAL A 475 10.34 3.81 12.10
CA VAL A 475 10.19 5.22 12.39
C VAL A 475 11.35 6.06 11.83
N ARG A 476 12.55 5.49 11.80
CA ARG A 476 13.73 6.17 11.31
C ARG A 476 13.67 6.35 9.79
N VAL A 477 13.38 5.27 9.09
CA VAL A 477 13.35 5.27 7.62
C VAL A 477 12.19 6.15 7.10
N THR A 478 10.99 5.94 7.61
CA THR A 478 9.86 6.80 7.22
C THR A 478 10.22 8.28 7.47
N THR A 479 10.81 8.57 8.62
CA THR A 479 11.20 9.95 8.96
C THR A 479 12.31 10.50 8.04
N LEU A 480 13.27 9.67 7.70
CA LEU A 480 14.29 10.10 6.75
C LEU A 480 13.60 10.54 5.48
N LEU A 481 12.64 9.73 5.02
CA LEU A 481 11.95 10.02 3.77
C LEU A 481 11.02 11.19 3.86
N LEU A 482 10.51 11.46 5.06
CA LEU A 482 9.68 12.64 5.32
C LEU A 482 10.47 13.88 5.73
N SER A 483 11.80 13.77 5.82
CA SER A 483 12.62 14.91 6.25
C SER A 483 12.58 16.14 5.30
N PRO A 484 12.47 15.93 3.97
CA PRO A 484 12.24 17.12 3.13
C PRO A 484 10.92 17.84 3.39
N ILE A 485 9.90 17.10 3.78
CA ILE A 485 8.59 17.67 4.07
C ILE A 485 8.57 18.31 5.46
N LEU A 486 9.20 17.64 6.42
CA LEU A 486 9.20 18.05 7.81
C LEU A 486 10.65 18.26 8.27
N PRO A 487 11.30 19.31 7.77
CA PRO A 487 12.72 19.46 8.05
C PRO A 487 13.07 19.63 9.53
N ARG A 488 12.32 20.45 10.25
CA ARG A 488 12.64 20.68 11.66
C ARG A 488 12.22 19.49 12.50
N LYS A 489 11.02 18.97 12.28
CA LYS A 489 10.51 17.88 13.12
C LYS A 489 11.27 16.58 12.94
N SER A 490 11.77 16.33 11.73
CA SER A 490 12.60 15.14 11.49
C SER A 490 13.86 15.16 12.35
N VAL A 491 14.46 16.34 12.47
CA VAL A 491 15.59 16.54 13.39
C VAL A 491 15.19 16.21 14.84
N VAL A 492 14.05 16.69 15.29
CA VAL A 492 13.60 16.37 16.65
C VAL A 492 13.47 14.86 16.81
N ILE A 493 12.88 14.21 15.82
CA ILE A 493 12.66 12.78 15.87
C ILE A 493 13.97 12.01 15.90
N PHE A 494 14.91 12.39 15.03
CA PHE A 494 16.22 11.75 15.05
C PHE A 494 16.93 11.99 16.40
N ASP A 495 16.80 13.18 16.97
CA ASP A 495 17.39 13.45 18.29
C ASP A 495 16.84 12.46 19.31
N MET A 496 15.51 12.33 19.37
CA MET A 496 14.83 11.38 20.26
C MET A 496 15.28 9.94 20.03
N LEU A 497 15.42 9.55 18.77
CA LEU A 497 15.87 8.21 18.40
C LEU A 497 17.37 8.03 18.59
N GLY A 498 18.11 9.11 18.81
CA GLY A 498 19.55 9.03 18.99
C GLY A 498 20.28 8.64 17.72
N VAL A 499 19.71 8.99 16.57
CA VAL A 499 20.35 8.70 15.30
C VAL A 499 21.53 9.65 15.04
N PRO A 500 22.76 9.13 15.01
CA PRO A 500 23.92 9.95 14.68
C PRO A 500 23.76 10.73 13.37
N GLU A 501 24.40 11.89 13.25
CA GLU A 501 24.22 12.79 12.12
C GLU A 501 24.59 12.14 10.80
N VAL A 502 25.66 11.36 10.82
CA VAL A 502 26.09 10.65 9.63
C VAL A 502 24.96 9.80 9.02
N HIS A 503 24.07 9.30 9.88
CA HIS A 503 22.97 8.42 9.43
C HIS A 503 21.70 9.18 9.03
N ARG A 504 21.69 10.50 9.21
CA ARG A 504 20.52 11.33 8.88
C ARG A 504 20.42 11.76 7.41
N LYS A 505 21.32 11.25 6.56
CA LYS A 505 21.26 11.53 5.14
C LYS A 505 22.09 10.51 4.38
N GLY A 506 21.99 10.53 3.05
CA GLY A 506 22.79 9.63 2.21
C GLY A 506 21.99 8.40 1.86
N ILE A 507 22.19 7.89 0.65
CA ILE A 507 21.40 6.74 0.21
C ILE A 507 21.77 5.45 0.92
N GLU A 508 22.98 5.41 1.48
CA GLU A 508 23.40 4.31 2.33
C GLU A 508 22.41 4.14 3.51
N ASN A 509 21.81 5.24 3.93
CA ASN A 509 20.95 5.20 5.10
C ASN A 509 19.46 5.03 4.82
N PHE A 510 19.10 4.83 3.56
CA PHE A 510 17.77 4.33 3.24
C PHE A 510 17.66 2.83 3.52
N GLU A 511 18.79 2.13 3.56
CA GLU A 511 18.83 0.70 3.84
C GLU A 511 18.40 0.36 5.28
N PHE A 512 17.59 -0.69 5.40
CA PHE A 512 17.09 -1.20 6.67
C PHE A 512 18.27 -1.68 7.50
N GLY A 513 18.38 -1.16 8.71
CA GLY A 513 19.37 -1.61 9.69
C GLY A 513 20.65 -0.81 9.72
N ALA A 514 20.59 0.44 9.28
CA ALA A 514 21.77 1.28 9.18
C ALA A 514 22.23 1.77 10.54
N VAL A 515 21.30 1.87 11.49
CA VAL A 515 21.63 2.26 12.85
C VAL A 515 21.81 1.00 13.68
N PRO A 516 23.03 0.75 14.18
CA PRO A 516 23.29 -0.49 14.91
C PRO A 516 22.59 -0.57 16.28
N PRO A 517 22.21 -1.77 16.71
CA PRO A 517 21.69 -1.97 18.07
C PRO A 517 22.69 -1.50 19.10
N GLY A 518 22.21 -1.00 20.22
CA GLY A 518 23.08 -0.48 21.27
C GLY A 518 23.17 1.04 21.24
N THR A 519 22.78 1.64 20.12
CA THR A 519 22.63 3.08 20.02
C THR A 519 21.65 3.56 21.08
N ARG A 520 22.06 4.56 21.85
CA ARG A 520 21.27 5.11 22.94
C ARG A 520 20.32 6.18 22.41
N LEU A 521 19.12 6.25 22.98
CA LEU A 521 18.15 7.28 22.62
C LEU A 521 18.61 8.64 23.13
N GLY A 522 18.05 9.70 22.57
CA GLY A 522 18.35 11.04 23.02
C GLY A 522 17.65 11.32 24.34
N PRO A 523 18.04 12.39 25.02
CA PRO A 523 17.40 12.68 26.32
C PRO A 523 15.94 13.08 26.17
N ALA A 524 15.17 12.89 27.24
CA ALA A 524 13.74 13.19 27.26
C ALA A 524 13.47 14.49 28.01
N VAL A 525 12.28 15.06 27.78
CA VAL A 525 11.81 16.24 28.51
C VAL A 525 10.35 16.02 28.94
N GLU A 526 9.97 16.55 30.11
CA GLU A 526 8.66 16.30 30.72
C GLU A 526 7.48 16.63 29.79
N GLY A 527 7.46 17.85 29.25
CA GLY A 527 6.37 18.31 28.41
C GLY A 527 6.44 17.89 26.94
N GLU A 528 7.55 17.27 26.53
CA GLU A 528 7.77 16.93 25.12
C GLU A 528 6.61 16.22 24.41
N VAL A 529 6.04 16.92 23.42
CA VAL A 529 5.17 16.31 22.41
C VAL A 529 5.66 16.82 21.06
N LEU A 530 5.59 15.97 20.03
CA LEU A 530 6.05 16.33 18.68
C LEU A 530 5.06 17.23 17.96
N PHE A 531 3.82 16.76 17.87
CA PHE A 531 2.69 17.57 17.41
C PHE A 531 1.62 17.39 18.45
N SER A 532 1.20 18.48 19.10
CA SER A 532 0.14 18.39 20.09
C SER A 532 -1.22 18.57 19.39
N LYS A 533 -2.20 17.76 19.80
CA LYS A 533 -3.52 17.80 19.21
C LYS A 533 -4.21 19.14 19.45
N ARG A 534 -5.15 19.48 18.56
CA ARG A 534 -5.95 20.71 18.68
C ARG A 534 -7.42 20.34 18.62
N SER A 535 -8.25 21.02 19.42
CA SER A 535 -9.68 20.72 19.48
C SER A 535 -10.36 21.09 18.15
N THR A 536 -11.55 20.54 17.93
CA THR A 536 -12.34 20.83 16.72
C THR A 536 -13.39 21.93 17.00
N GLU A 537 -12.91 23.13 17.34
CA GLU A 537 -13.81 24.26 17.62
C GLU A 537 -14.34 24.86 16.32
N GLY B 1 11.25 -6.48 -3.54
CA GLY B 1 12.16 -7.54 -3.00
C GLY B 1 11.61 -8.94 -3.26
N PRO B 2 12.51 -9.95 -3.31
CA PRO B 2 12.09 -11.33 -3.51
C PRO B 2 11.32 -11.86 -2.30
N GLY B 3 10.42 -12.82 -2.52
CA GLY B 3 9.70 -13.48 -1.44
C GLY B 3 10.50 -14.67 -0.94
N SER B 4 9.87 -15.51 -0.13
CA SER B 4 10.52 -16.70 0.39
C SER B 4 10.57 -17.78 -0.68
N MET B 5 11.63 -18.57 -0.67
CA MET B 5 11.83 -19.59 -1.73
C MET B 5 10.86 -20.73 -1.52
N LYS B 6 10.78 -21.64 -2.48
CA LYS B 6 9.88 -22.78 -2.36
C LYS B 6 10.32 -23.65 -1.17
N VAL B 7 9.37 -24.19 -0.41
CA VAL B 7 9.70 -25.19 0.59
C VAL B 7 10.25 -26.43 -0.10
N GLU B 8 10.94 -27.28 0.66
CA GLU B 8 11.58 -28.47 0.09
C GLU B 8 10.64 -29.67 0.20
N LYS B 9 9.95 -29.77 1.33
CA LYS B 9 8.99 -30.83 1.58
C LYS B 9 7.69 -30.57 0.82
N VAL B 10 6.72 -31.46 0.95
CA VAL B 10 5.39 -31.21 0.43
C VAL B 10 4.67 -30.30 1.40
N PHE B 11 4.16 -29.19 0.89
CA PHE B 11 3.48 -28.22 1.71
C PHE B 11 2.18 -28.88 2.12
N PHE B 12 1.91 -28.91 3.42
CA PHE B 12 0.83 -29.70 3.99
C PHE B 12 -0.09 -28.77 4.80
N VAL B 13 -1.32 -28.63 4.32
CA VAL B 13 -2.29 -27.70 4.88
C VAL B 13 -3.58 -28.46 5.18
N THR B 14 -4.14 -28.22 6.34
CA THR B 14 -5.30 -29.00 6.77
C THR B 14 -6.45 -28.09 7.14
N SER B 15 -7.65 -28.63 7.12
CA SER B 15 -8.81 -28.03 7.79
C SER B 15 -9.13 -28.92 8.95
N PRO B 16 -10.04 -28.49 9.83
CA PRO B 16 -10.49 -29.41 10.84
C PRO B 16 -11.23 -30.54 10.14
N ILE B 17 -11.50 -31.61 10.87
CA ILE B 17 -12.41 -32.60 10.39
C ILE B 17 -13.73 -32.36 11.13
N TYR B 18 -14.81 -32.41 10.36
CA TYR B 18 -16.07 -31.87 10.78
C TYR B 18 -16.98 -32.95 11.34
N TYR B 19 -17.70 -32.60 12.39
CA TYR B 19 -18.52 -33.57 13.11
C TYR B 19 -19.82 -33.81 12.37
N VAL B 20 -20.12 -35.08 12.14
CA VAL B 20 -21.23 -35.47 11.25
C VAL B 20 -22.63 -35.48 11.87
N ASN B 21 -22.80 -34.97 13.09
CA ASN B 21 -24.15 -34.73 13.63
C ASN B 21 -24.75 -33.39 13.18
N ALA B 22 -24.11 -32.72 12.22
CA ALA B 22 -24.66 -31.51 11.60
C ALA B 22 -24.44 -31.53 10.10
N ALA B 23 -25.37 -30.94 9.36
CA ALA B 23 -25.23 -30.79 7.92
C ALA B 23 -24.19 -29.70 7.66
N PRO B 24 -23.53 -29.72 6.48
CA PRO B 24 -22.55 -28.70 6.15
C PRO B 24 -23.14 -27.29 6.14
N HIS B 25 -22.51 -26.37 6.86
CA HIS B 25 -22.95 -24.99 6.95
C HIS B 25 -21.75 -24.06 6.67
N ILE B 26 -21.95 -22.76 6.81
CA ILE B 26 -20.93 -21.73 6.53
C ILE B 26 -19.61 -21.92 7.29
N GLY B 27 -19.69 -22.27 8.57
CA GLY B 27 -18.51 -22.59 9.37
C GLY B 27 -17.55 -23.56 8.69
N HIS B 28 -18.07 -24.69 8.20
CA HIS B 28 -17.22 -25.70 7.57
C HIS B 28 -16.73 -25.20 6.20
N VAL B 29 -17.60 -24.51 5.48
CA VAL B 29 -17.29 -24.03 4.13
C VAL B 29 -16.15 -23.00 4.20
N TYR B 30 -16.27 -22.11 5.19
CA TYR B 30 -15.27 -21.10 5.47
C TYR B 30 -13.92 -21.72 5.83
N SER B 31 -13.88 -22.54 6.87
CA SER B 31 -12.63 -23.21 7.26
C SER B 31 -11.96 -23.89 6.08
N THR B 32 -12.75 -24.60 5.30
CA THR B 32 -12.25 -25.38 4.19
C THR B 32 -11.80 -24.49 3.03
N LEU B 33 -12.45 -23.32 2.86
CA LEU B 33 -12.03 -22.31 1.90
C LEU B 33 -10.63 -21.78 2.21
N ILE B 34 -10.39 -21.49 3.49
CA ILE B 34 -9.10 -20.95 3.89
C ILE B 34 -8.02 -21.98 3.54
N THR B 35 -8.24 -23.23 3.93
CA THR B 35 -7.36 -24.33 3.58
C THR B 35 -7.12 -24.39 2.06
N ASP B 36 -8.19 -24.29 1.30
CA ASP B 36 -8.12 -24.41 -0.12
C ASP B 36 -7.25 -23.32 -0.72
N VAL B 37 -7.47 -22.09 -0.26
CA VAL B 37 -6.75 -20.92 -0.74
C VAL B 37 -5.24 -21.04 -0.49
N ILE B 38 -4.88 -21.48 0.71
CA ILE B 38 -3.49 -21.67 1.05
C ILE B 38 -2.90 -22.74 0.14
N GLY B 39 -3.65 -23.81 -0.05
CA GLY B 39 -3.21 -24.88 -0.93
C GLY B 39 -2.93 -24.36 -2.32
N ARG B 40 -3.90 -23.64 -2.87
CA ARG B 40 -3.82 -23.11 -4.22
C ARG B 40 -2.63 -22.18 -4.35
N TYR B 41 -2.42 -21.34 -3.33
CA TYR B 41 -1.34 -20.39 -3.39
C TYR B 41 -0.02 -21.10 -3.54
N HIS B 42 0.20 -22.10 -2.70
CA HIS B 42 1.46 -22.81 -2.75
C HIS B 42 1.61 -23.64 -4.04
N ARG B 43 0.52 -24.10 -4.63
CA ARG B 43 0.59 -24.79 -5.92
C ARG B 43 1.02 -23.83 -7.03
N VAL B 44 0.42 -22.63 -7.06
CA VAL B 44 0.78 -21.57 -8.02
C VAL B 44 2.24 -21.12 -7.90
N LYS B 45 2.73 -21.12 -6.66
CA LYS B 45 4.14 -20.85 -6.38
C LYS B 45 5.06 -21.91 -6.97
N GLY B 46 4.52 -23.09 -7.23
CA GLY B 46 5.29 -24.16 -7.87
C GLY B 46 5.73 -25.20 -6.87
N GLU B 47 5.08 -25.26 -5.72
CA GLU B 47 5.45 -26.22 -4.68
C GLU B 47 4.55 -27.44 -4.77
N ARG B 48 5.05 -28.57 -4.28
CA ARG B 48 4.22 -29.73 -4.05
C ARG B 48 3.32 -29.44 -2.86
N VAL B 49 2.06 -29.86 -2.97
CA VAL B 49 1.05 -29.53 -2.01
C VAL B 49 0.15 -30.71 -1.70
N PHE B 50 -0.18 -30.84 -0.41
CA PHE B 50 -1.18 -31.78 0.03
C PHE B 50 -2.16 -31.09 0.97
N ALA B 51 -3.36 -30.85 0.48
CA ALA B 51 -4.40 -30.24 1.28
C ALA B 51 -5.38 -31.33 1.73
N LEU B 52 -5.83 -31.24 2.97
CA LEU B 52 -6.59 -32.31 3.56
C LEU B 52 -7.77 -31.68 4.23
N THR B 53 -8.91 -32.37 4.16
CA THR B 53 -10.08 -32.05 4.98
C THR B 53 -10.79 -33.35 5.33
N GLY B 54 -11.92 -33.29 6.04
CA GLY B 54 -12.67 -34.52 6.31
C GLY B 54 -13.66 -34.51 7.44
N THR B 55 -14.08 -35.70 7.86
CA THR B 55 -15.13 -35.85 8.87
C THR B 55 -14.72 -36.68 10.07
N ASP B 56 -15.27 -36.27 11.21
CA ASP B 56 -15.03 -36.82 12.52
C ASP B 56 -16.32 -37.59 12.77
N GLU B 57 -16.25 -38.92 12.78
CA GLU B 57 -17.46 -39.74 12.68
C GLU B 57 -17.91 -40.51 13.94
N HIS B 58 -17.10 -40.53 15.00
CA HIS B 58 -17.36 -41.39 16.17
C HIS B 58 -18.07 -40.66 17.32
N GLY B 59 -18.43 -41.37 18.37
CA GLY B 59 -19.00 -40.72 19.55
C GLY B 59 -20.46 -40.99 19.82
N GLN B 60 -20.88 -40.71 21.05
CA GLN B 60 -22.24 -41.02 21.46
C GLN B 60 -23.31 -40.19 20.75
N LYS B 61 -22.98 -38.97 20.33
CA LYS B 61 -23.95 -38.11 19.65
C LYS B 61 -24.28 -38.58 18.23
N VAL B 62 -23.27 -39.03 17.49
CA VAL B 62 -23.51 -39.60 16.16
C VAL B 62 -24.35 -40.87 16.29
N ALA B 63 -23.95 -41.79 17.17
CA ALA B 63 -24.68 -43.03 17.34
C ALA B 63 -26.13 -42.78 17.77
N GLU B 64 -26.33 -41.79 18.63
CA GLU B 64 -27.70 -41.40 19.03
C GLU B 64 -28.49 -40.76 17.89
N ALA B 65 -27.81 -40.00 17.02
CA ALA B 65 -28.47 -39.41 15.84
C ALA B 65 -28.92 -40.52 14.88
N ALA B 66 -28.02 -41.47 14.62
CA ALA B 66 -28.32 -42.61 13.77
C ALA B 66 -29.50 -43.43 14.31
N LYS B 67 -29.61 -43.55 15.63
CA LYS B 67 -30.67 -44.32 16.26
C LYS B 67 -32.05 -43.71 15.97
N GLN B 68 -32.18 -42.39 16.12
CA GLN B 68 -33.44 -41.71 15.83
C GLN B 68 -33.81 -41.81 14.35
N LYS B 69 -32.82 -41.78 13.47
CA LYS B 69 -33.05 -42.03 12.04
C LYS B 69 -33.32 -43.52 11.73
N GLN B 70 -33.11 -44.38 12.72
CA GLN B 70 -33.33 -45.84 12.61
C GLN B 70 -32.47 -46.46 11.52
N VAL B 71 -31.21 -46.03 11.50
CA VAL B 71 -30.21 -46.53 10.56
C VAL B 71 -28.96 -46.86 11.36
N SER B 72 -28.14 -47.75 10.84
CA SER B 72 -26.89 -48.09 11.51
C SER B 72 -25.96 -46.87 11.49
N PRO B 73 -25.15 -46.71 12.56
CA PRO B 73 -24.22 -45.59 12.60
C PRO B 73 -23.33 -45.49 11.37
N TYR B 74 -22.92 -46.61 10.80
CA TYR B 74 -22.04 -46.55 9.64
C TYR B 74 -22.77 -46.07 8.37
N ASP B 75 -24.04 -46.40 8.23
CA ASP B 75 -24.86 -45.83 7.15
C ASP B 75 -25.05 -44.31 7.34
N PHE B 76 -25.37 -43.92 8.56
CA PHE B 76 -25.59 -42.52 8.90
C PHE B 76 -24.37 -41.65 8.57
N THR B 77 -23.18 -42.12 8.90
CA THR B 77 -21.97 -41.33 8.72
C THR B 77 -21.51 -41.31 7.26
N THR B 78 -21.65 -42.44 6.58
CA THR B 78 -21.36 -42.54 5.15
C THR B 78 -22.22 -41.56 4.36
N ALA B 79 -23.50 -41.47 4.72
CA ALA B 79 -24.41 -40.53 4.08
C ALA B 79 -24.02 -39.08 4.37
N VAL B 80 -23.69 -38.78 5.63
CA VAL B 80 -23.35 -37.40 5.97
C VAL B 80 -22.00 -37.00 5.37
N ALA B 81 -21.00 -37.88 5.46
CA ALA B 81 -19.72 -37.62 4.79
C ALA B 81 -19.94 -37.31 3.33
N GLY B 82 -20.88 -38.01 2.71
CA GLY B 82 -21.26 -37.76 1.32
C GLY B 82 -21.79 -36.37 1.08
N GLU B 83 -22.62 -35.88 1.99
CA GLU B 83 -23.12 -34.51 1.93
C GLU B 83 -21.98 -33.50 1.97
N PHE B 84 -21.00 -33.75 2.84
CA PHE B 84 -19.84 -32.87 2.95
C PHE B 84 -19.01 -32.95 1.67
N LYS B 85 -18.75 -34.15 1.17
CA LYS B 85 -17.99 -34.31 -0.08
C LYS B 85 -18.66 -33.56 -1.22
N LYS B 86 -20.00 -33.67 -1.27
CA LYS B 86 -20.80 -33.01 -2.31
C LYS B 86 -20.73 -31.49 -2.20
N CYS B 87 -20.78 -30.98 -0.98
CA CYS B 87 -20.72 -29.54 -0.75
C CYS B 87 -19.39 -28.94 -1.25
N PHE B 88 -18.30 -29.61 -0.97
CA PHE B 88 -16.98 -29.10 -1.36
C PHE B 88 -16.76 -29.22 -2.85
N GLU B 89 -17.45 -30.15 -3.49
CA GLU B 89 -17.47 -30.22 -4.95
C GLU B 89 -18.27 -29.06 -5.53
N GLN B 90 -19.44 -28.78 -4.96
CA GLN B 90 -20.23 -27.63 -5.40
C GLN B 90 -19.49 -26.32 -5.19
N MET B 91 -18.81 -26.19 -4.05
CA MET B 91 -18.01 -25.00 -3.74
C MET B 91 -16.71 -24.91 -4.55
N ASP B 92 -16.39 -25.95 -5.29
CA ASP B 92 -15.30 -25.91 -6.26
C ASP B 92 -13.92 -25.78 -5.59
N TYR B 93 -13.77 -26.41 -4.44
CA TYR B 93 -12.47 -26.51 -3.81
C TYR B 93 -11.58 -27.51 -4.55
N SER B 94 -10.31 -27.54 -4.20
CA SER B 94 -9.35 -28.46 -4.77
C SER B 94 -8.53 -29.07 -3.64
N ILE B 95 -9.24 -29.70 -2.70
CA ILE B 95 -8.64 -30.36 -1.55
C ILE B 95 -8.21 -31.75 -2.01
N ASP B 96 -6.98 -32.14 -1.67
CA ASP B 96 -6.38 -33.37 -2.19
C ASP B 96 -6.94 -34.65 -1.57
N TYR B 97 -7.35 -34.62 -0.29
CA TYR B 97 -7.91 -35.80 0.32
C TYR B 97 -9.00 -35.52 1.33
N PHE B 98 -10.03 -36.36 1.29
CA PHE B 98 -11.12 -36.31 2.22
C PHE B 98 -10.96 -37.53 3.14
N ILE B 99 -10.60 -37.31 4.39
CA ILE B 99 -10.33 -38.38 5.34
C ILE B 99 -11.54 -38.58 6.26
N ARG B 100 -11.89 -39.86 6.49
CA ARG B 100 -12.98 -40.21 7.38
C ARG B 100 -12.41 -41.03 8.54
N THR B 101 -12.75 -40.67 9.77
CA THR B 101 -12.20 -41.37 10.93
C THR B 101 -12.67 -42.83 11.08
N THR B 102 -13.65 -43.26 10.28
CA THR B 102 -14.09 -44.66 10.24
C THR B 102 -13.17 -45.49 9.36
N ASN B 103 -12.32 -44.83 8.59
CA ASN B 103 -11.36 -45.51 7.75
C ASN B 103 -10.43 -46.40 8.56
N GLU B 104 -10.12 -47.57 8.02
CA GLU B 104 -9.32 -48.57 8.74
C GLU B 104 -7.90 -48.09 8.99
N GLN B 105 -7.30 -47.50 7.97
CA GLN B 105 -5.93 -46.98 8.07
C GLN B 105 -5.83 -45.95 9.18
N HIS B 106 -6.84 -45.08 9.31
CA HIS B 106 -6.84 -44.10 10.37
C HIS B 106 -6.88 -44.76 11.75
N LYS B 107 -7.66 -45.82 11.88
CA LYS B 107 -7.72 -46.56 13.15
C LYS B 107 -6.37 -47.23 13.45
N ALA B 108 -5.71 -47.72 12.41
CA ALA B 108 -4.35 -48.27 12.55
C ALA B 108 -3.38 -47.23 13.11
N VAL B 109 -3.48 -46.00 12.62
CA VAL B 109 -2.59 -44.93 13.06
C VAL B 109 -2.90 -44.47 14.48
N VAL B 110 -4.18 -44.36 14.81
CA VAL B 110 -4.59 -44.01 16.18
C VAL B 110 -4.05 -45.02 17.18
N LYS B 111 -4.09 -46.31 16.83
CA LYS B 111 -3.52 -47.37 17.66
C LYS B 111 -2.00 -47.24 17.79
N GLU B 112 -1.34 -46.93 16.68
CA GLU B 112 0.11 -46.75 16.69
C GLU B 112 0.54 -45.57 17.56
N LEU B 113 -0.15 -44.45 17.44
CA LEU B 113 0.12 -43.29 18.29
C LEU B 113 -0.23 -43.57 19.76
N TRP B 114 -1.42 -44.12 20.01
CA TRP B 114 -1.85 -44.43 21.37
C TRP B 114 -0.83 -45.33 22.08
N THR B 115 -0.49 -46.43 21.42
CA THR B 115 0.44 -47.43 21.97
C THR B 115 1.77 -46.76 22.35
N LYS B 116 2.27 -45.91 21.46
CA LYS B 116 3.55 -45.26 21.69
C LYS B 116 3.49 -44.35 22.91
N LEU B 117 2.42 -43.56 23.04
CA LEU B 117 2.22 -42.73 24.23
C LEU B 117 2.18 -43.54 25.52
N GLU B 118 1.54 -44.70 25.46
CA GLU B 118 1.40 -45.58 26.62
C GLU B 118 2.74 -46.18 27.02
N GLN B 119 3.54 -46.55 26.03
CA GLN B 119 4.86 -47.12 26.28
C GLN B 119 5.81 -46.09 26.88
N LYS B 120 5.68 -44.85 26.46
CA LYS B 120 6.44 -43.73 27.03
C LYS B 120 6.09 -43.44 28.50
N GLY B 121 5.03 -44.06 29.01
CA GLY B 121 4.51 -43.78 30.35
C GLY B 121 3.77 -42.45 30.40
N ASP B 122 3.27 -41.99 29.25
CA ASP B 122 2.58 -40.71 29.18
C ASP B 122 1.06 -40.87 29.20
N ILE B 123 0.59 -42.09 28.92
CA ILE B 123 -0.80 -42.52 29.15
C ILE B 123 -0.77 -43.62 30.20
N TYR B 124 -1.53 -43.46 31.29
CA TYR B 124 -1.64 -44.50 32.31
C TYR B 124 -3.10 -44.90 32.60
N LEU B 125 -3.30 -46.13 33.05
CA LEU B 125 -4.62 -46.60 33.44
C LEU B 125 -4.81 -46.39 34.94
N GLY B 126 -5.85 -45.67 35.33
CA GLY B 126 -6.20 -45.51 36.75
C GLY B 126 -7.70 -45.57 36.98
N ARG B 127 -8.12 -45.69 38.23
CA ARG B 127 -9.54 -45.72 38.57
C ARG B 127 -9.99 -44.32 39.00
N TYR B 128 -10.97 -43.77 38.28
CA TYR B 128 -11.55 -42.47 38.62
C TYR B 128 -12.80 -42.67 39.44
N GLU B 129 -12.94 -41.90 40.51
CA GLU B 129 -14.15 -41.88 41.33
C GLU B 129 -14.56 -40.45 41.65
N GLY B 130 -15.83 -40.14 41.40
CA GLY B 130 -16.33 -38.78 41.44
C GLY B 130 -17.56 -38.66 40.55
N TRP B 131 -17.94 -37.43 40.22
CA TRP B 131 -19.13 -37.20 39.41
C TRP B 131 -18.77 -37.12 37.92
N TYR B 132 -19.72 -37.53 37.08
CA TYR B 132 -19.58 -37.52 35.62
C TYR B 132 -20.89 -37.04 35.01
N SER B 133 -20.79 -36.11 34.06
CA SER B 133 -21.95 -35.69 33.26
C SER B 133 -21.97 -36.50 31.95
N ILE B 134 -22.98 -37.36 31.79
CA ILE B 134 -23.09 -38.22 30.61
C ILE B 134 -23.44 -37.36 29.39
N SER B 135 -24.36 -36.42 29.60
CA SER B 135 -24.79 -35.51 28.54
C SER B 135 -23.64 -34.62 28.03
N ASP B 136 -22.87 -34.05 28.97
CA ASP B 136 -21.75 -33.18 28.62
C ASP B 136 -20.49 -33.96 28.26
N GLU B 137 -20.47 -35.25 28.59
CA GLU B 137 -19.30 -36.11 28.36
C GLU B 137 -18.09 -35.61 29.17
N SER B 138 -18.35 -35.05 30.34
CA SER B 138 -17.33 -34.42 31.19
C SER B 138 -17.24 -35.06 32.57
N PHE B 139 -16.02 -35.15 33.09
CA PHE B 139 -15.79 -35.41 34.51
C PHE B 139 -15.87 -34.06 35.25
N LEU B 140 -16.38 -34.08 36.47
CA LEU B 140 -16.60 -32.85 37.22
C LEU B 140 -16.19 -33.00 38.68
N THR B 141 -15.45 -32.02 39.20
CA THR B 141 -15.03 -32.02 40.60
C THR B 141 -16.20 -31.72 41.53
N PRO B 142 -16.07 -32.03 42.84
CA PRO B 142 -17.15 -31.78 43.81
C PRO B 142 -17.56 -30.31 44.02
N GLN B 143 -16.87 -29.35 43.39
CA GLN B 143 -17.23 -27.91 43.50
C GLN B 143 -18.21 -27.47 42.40
N ASN B 144 -18.23 -28.22 41.29
CA ASN B 144 -19.13 -27.94 40.16
C ASN B 144 -20.46 -28.70 40.28
N ILE B 145 -20.73 -29.22 41.48
CA ILE B 145 -21.92 -30.06 41.73
C ILE B 145 -22.95 -29.29 42.55
N THR B 146 -24.23 -29.60 42.32
CA THR B 146 -25.34 -29.00 43.06
C THR B 146 -26.55 -29.93 43.03
N ASP B 147 -27.47 -29.72 43.96
CA ASP B 147 -28.72 -30.49 44.02
C ASP B 147 -29.69 -29.99 42.94
N GLY B 148 -30.58 -30.86 42.48
CA GLY B 148 -31.55 -30.50 41.44
C GLY B 148 -32.56 -31.58 41.10
N VAL B 149 -33.42 -31.28 40.13
CA VAL B 149 -34.45 -32.21 39.66
C VAL B 149 -33.98 -32.88 38.36
N ASP B 150 -34.59 -34.02 38.04
CA ASP B 150 -34.25 -34.74 36.81
C ASP B 150 -34.78 -34.03 35.57
N ASN B 154 -37.75 -36.43 40.55
CA ASN B 154 -37.10 -36.93 41.76
C ASN B 154 -35.78 -36.20 42.05
N PRO B 155 -35.36 -36.17 43.33
CA PRO B 155 -34.15 -35.45 43.75
C PRO B 155 -32.83 -36.12 43.31
N CYS B 156 -31.93 -35.34 42.72
CA CYS B 156 -30.61 -35.83 42.30
C CYS B 156 -29.56 -34.70 42.21
N LYS B 157 -28.31 -35.09 41.99
CA LYS B 157 -27.24 -34.12 41.79
C LYS B 157 -27.17 -33.71 40.31
N VAL B 158 -26.98 -32.42 40.07
CA VAL B 158 -27.02 -31.82 38.72
C VAL B 158 -25.75 -30.99 38.50
N SER B 159 -25.38 -30.75 37.24
CA SER B 159 -24.21 -29.93 36.90
C SER B 159 -24.48 -28.43 37.15
N LEU B 160 -23.45 -27.73 37.63
CA LEU B 160 -23.58 -26.32 37.99
C LEU B 160 -23.48 -25.42 36.76
N GLU B 161 -22.63 -25.80 35.80
CA GLU B 161 -22.43 -25.02 34.57
C GLU B 161 -23.45 -25.38 33.51
N SER B 162 -23.51 -26.67 33.19
CA SER B 162 -24.35 -27.16 32.09
C SER B 162 -25.83 -27.22 32.47
N GLY B 163 -26.12 -27.68 33.68
CA GLY B 163 -27.50 -27.86 34.15
C GLY B 163 -28.01 -29.28 33.95
N HIS B 164 -27.23 -30.13 33.28
CA HIS B 164 -27.59 -31.54 33.05
C HIS B 164 -27.21 -32.41 34.24
N VAL B 165 -27.76 -33.61 34.30
CA VAL B 165 -27.61 -34.49 35.46
C VAL B 165 -26.17 -35.06 35.53
N VAL B 166 -25.67 -35.25 36.75
CA VAL B 166 -24.36 -35.87 36.99
C VAL B 166 -24.51 -37.06 37.93
N THR B 167 -23.95 -38.19 37.54
CA THR B 167 -23.99 -39.39 38.38
C THR B 167 -22.60 -39.64 38.96
N TRP B 168 -22.57 -40.16 40.19
CA TRP B 168 -21.34 -40.64 40.78
C TRP B 168 -20.97 -41.93 40.09
N VAL B 169 -19.68 -42.08 39.76
CA VAL B 169 -19.19 -43.30 39.12
C VAL B 169 -17.84 -43.71 39.68
N SER B 170 -17.58 -45.02 39.63
CA SER B 170 -16.28 -45.58 39.88
C SER B 170 -15.89 -46.35 38.63
N GLU B 171 -14.80 -45.96 37.97
CA GLU B 171 -14.47 -46.56 36.68
C GLU B 171 -13.00 -46.44 36.35
N GLU B 172 -12.44 -47.49 35.73
CA GLU B 172 -11.09 -47.42 35.18
C GLU B 172 -11.12 -46.49 33.99
N ASN B 173 -10.07 -45.69 33.84
CA ASN B 173 -9.99 -44.68 32.80
C ASN B 173 -8.54 -44.38 32.44
N TYR B 174 -8.29 -44.14 31.16
CA TYR B 174 -6.96 -43.76 30.70
C TYR B 174 -6.78 -42.25 30.70
N MET B 175 -5.72 -41.79 31.37
CA MET B 175 -5.36 -40.38 31.43
C MET B 175 -4.04 -40.15 30.73
N PHE B 176 -3.98 -39.12 29.86
CA PHE B 176 -2.72 -38.60 29.30
C PHE B 176 -2.16 -37.54 30.25
N ARG B 177 -0.86 -37.63 30.53
CA ARG B 177 -0.21 -36.82 31.57
C ARG B 177 0.18 -35.43 31.06
N LEU B 178 -0.83 -34.66 30.64
CA LEU B 178 -0.63 -33.37 29.97
C LEU B 178 0.17 -32.38 30.83
N SER B 179 -0.06 -32.45 32.13
CA SER B 179 0.59 -31.59 33.11
C SER B 179 2.11 -31.73 33.11
N ALA B 180 2.59 -32.88 32.66
CA ALA B 180 4.03 -33.09 32.52
C ALA B 180 4.65 -32.31 31.34
N PHE B 181 3.83 -31.69 30.48
CA PHE B 181 4.32 -31.07 29.21
C PHE B 181 4.31 -29.55 29.19
N ARG B 182 3.95 -28.95 30.32
CA ARG B 182 3.86 -27.51 30.46
C ARG B 182 5.08 -26.75 29.96
N GLU B 183 6.26 -27.14 30.44
CA GLU B 183 7.47 -26.41 30.11
C GLU B 183 7.88 -26.62 28.65
N ARG B 184 7.79 -27.85 28.16
CA ARG B 184 8.09 -28.12 26.78
C ARG B 184 7.17 -27.32 25.85
N LEU B 185 5.92 -27.15 26.24
CA LEU B 185 4.97 -26.37 25.44
C LEU B 185 5.35 -24.88 25.45
N LEU B 186 5.58 -24.34 26.65
CA LEU B 186 5.97 -22.95 26.81
C LEU B 186 7.28 -22.65 26.09
N GLU B 187 8.21 -23.60 26.11
CA GLU B 187 9.45 -23.47 25.34
C GLU B 187 9.13 -23.44 23.84
N TRP B 188 8.21 -24.28 23.39
CA TRP B 188 7.83 -24.31 21.98
C TRP B 188 7.21 -22.99 21.51
N TYR B 189 6.31 -22.45 22.32
CA TYR B 189 5.69 -21.15 21.99
C TYR B 189 6.74 -20.04 21.87
N HIS B 190 7.56 -19.89 22.92
CA HIS B 190 8.52 -18.80 22.97
CA HIS B 190 8.57 -18.83 23.01
C HIS B 190 9.61 -18.89 21.90
N ALA B 191 9.98 -20.11 21.50
CA ALA B 191 10.99 -20.31 20.46
C ALA B 191 10.43 -20.19 19.05
N ASN B 192 9.10 -20.30 18.92
CA ASN B 192 8.44 -20.24 17.62
C ASN B 192 7.31 -19.24 17.66
N PRO B 193 7.65 -17.95 17.80
CA PRO B 193 6.62 -16.96 18.19
C PRO B 193 5.60 -16.62 17.10
N GLY B 194 5.73 -17.22 15.92
CA GLY B 194 4.69 -17.15 14.89
C GLY B 194 3.90 -18.44 14.70
N CYS B 195 4.05 -19.39 15.63
CA CYS B 195 3.44 -20.70 15.48
C CYS B 195 1.92 -20.68 15.65
N ILE B 196 1.38 -19.62 16.27
CA ILE B 196 -0.06 -19.49 16.45
C ILE B 196 -0.48 -18.11 16.00
N VAL B 197 -1.41 -18.05 15.06
CA VAL B 197 -1.87 -16.82 14.47
C VAL B 197 -3.38 -16.77 14.60
N PRO B 198 -3.96 -15.58 14.83
CA PRO B 198 -3.35 -14.27 15.05
C PRO B 198 -2.78 -14.11 16.46
N GLU B 199 -1.98 -13.07 16.64
CA GLU B 199 -1.16 -12.90 17.84
C GLU B 199 -1.94 -12.90 19.17
N PHE B 200 -3.13 -12.31 19.20
CA PHE B 200 -3.86 -12.23 20.49
C PHE B 200 -4.33 -13.61 20.93
N ARG B 201 -4.63 -14.47 19.96
CA ARG B 201 -4.97 -15.85 20.25
C ARG B 201 -3.75 -16.65 20.72
N ARG B 202 -2.60 -16.34 20.16
CA ARG B 202 -1.36 -16.91 20.63
C ARG B 202 -1.13 -16.54 22.11
N ARG B 203 -1.33 -15.28 22.46
CA ARG B 203 -1.17 -14.81 23.84
C ARG B 203 -2.11 -15.56 24.79
N GLU B 204 -3.37 -15.73 24.39
CA GLU B 204 -4.36 -16.51 25.15
C GLU B 204 -3.89 -17.92 25.49
N VAL B 205 -3.31 -18.60 24.51
CA VAL B 205 -2.83 -19.95 24.72
C VAL B 205 -1.72 -19.95 25.75
N ILE B 206 -0.74 -19.07 25.56
CA ILE B 206 0.41 -19.00 26.46
C ILE B 206 -0.04 -18.73 27.90
N ARG B 207 -0.96 -17.78 28.06
CA ARG B 207 -1.47 -17.45 29.38
C ARG B 207 -2.15 -18.67 30.04
N ALA B 208 -2.79 -19.50 29.24
CA ALA B 208 -3.47 -20.69 29.74
C ALA B 208 -2.44 -21.71 30.23
N VAL B 209 -1.43 -21.96 29.42
CA VAL B 209 -0.43 -22.95 29.77
C VAL B 209 0.40 -22.48 30.96
N GLU B 210 0.70 -21.18 31.02
CA GLU B 210 1.37 -20.60 32.19
C GLU B 210 0.60 -20.85 33.49
N LYS B 211 -0.72 -20.84 33.44
CA LYS B 211 -1.53 -21.09 34.66
C LYS B 211 -1.35 -22.49 35.24
N GLY B 212 -1.05 -23.46 34.39
CA GLY B 212 -0.95 -24.86 34.80
C GLY B 212 -1.85 -25.67 33.90
N LEU B 213 -1.48 -26.94 33.66
CA LEU B 213 -2.28 -27.83 32.83
C LEU B 213 -2.66 -29.08 33.57
N PRO B 214 -3.97 -29.40 33.64
CA PRO B 214 -4.33 -30.68 34.25
C PRO B 214 -4.12 -31.82 33.27
N ASP B 215 -4.16 -33.05 33.76
CA ASP B 215 -4.07 -34.23 32.91
C ASP B 215 -5.38 -34.41 32.18
N LEU B 216 -5.34 -35.25 31.14
CA LEU B 216 -6.39 -35.30 30.15
C LEU B 216 -6.88 -36.72 29.95
N SER B 217 -8.16 -36.94 30.29
CA SER B 217 -8.83 -38.21 30.08
C SER B 217 -8.98 -38.45 28.58
N VAL B 218 -8.40 -39.56 28.10
CA VAL B 218 -8.37 -39.88 26.66
C VAL B 218 -9.16 -41.14 26.29
N SER B 219 -9.89 -41.71 27.25
CA SER B 219 -10.78 -42.84 26.98
C SER B 219 -12.14 -42.71 27.68
N ARG B 220 -13.13 -43.37 27.09
CA ARG B 220 -14.40 -43.56 27.78
C ARG B 220 -14.77 -45.03 27.71
N ALA B 221 -15.57 -45.47 28.66
CA ALA B 221 -16.11 -46.82 28.65
C ALA B 221 -16.88 -47.04 27.34
N ARG B 222 -16.90 -48.27 26.85
CA ARG B 222 -17.51 -48.54 25.53
C ARG B 222 -19.02 -48.27 25.49
N ALA B 223 -19.73 -48.58 26.57
CA ALA B 223 -21.17 -48.28 26.62
C ALA B 223 -21.46 -46.77 26.55
N THR B 224 -20.59 -45.97 27.16
CA THR B 224 -20.76 -44.50 27.17
C THR B 224 -20.81 -43.95 25.75
N LEU B 225 -20.04 -44.55 24.84
CA LEU B 225 -19.97 -44.14 23.44
C LEU B 225 -20.83 -45.02 22.53
N HIS B 226 -21.72 -45.83 23.11
CA HIS B 226 -22.55 -46.76 22.35
C HIS B 226 -21.73 -47.58 21.36
N ASN B 227 -20.53 -47.97 21.79
CA ASN B 227 -19.62 -48.79 21.00
C ASN B 227 -19.26 -48.19 19.64
N TRP B 228 -19.40 -46.88 19.50
CA TRP B 228 -19.18 -46.26 18.23
C TRP B 228 -17.91 -45.40 18.26
N ALA B 229 -16.78 -46.09 18.28
CA ALA B 229 -15.49 -45.47 18.54
C ALA B 229 -14.40 -46.52 18.36
N ILE B 230 -13.16 -46.09 18.43
CA ILE B 230 -12.03 -46.99 18.25
C ILE B 230 -11.71 -47.64 19.59
N PRO B 231 -11.49 -48.96 19.61
CA PRO B 231 -11.08 -49.61 20.85
C PRO B 231 -9.65 -49.28 21.26
N VAL B 232 -9.46 -49.17 22.57
CA VAL B 232 -8.14 -49.05 23.15
C VAL B 232 -7.33 -50.33 22.94
N PRO B 233 -6.15 -50.23 22.28
CA PRO B 233 -5.25 -51.36 22.08
C PRO B 233 -5.06 -52.17 23.34
N GLY B 234 -5.34 -53.47 23.25
CA GLY B 234 -5.21 -54.36 24.39
C GLY B 234 -6.31 -54.28 25.43
N ASN B 235 -7.31 -53.43 25.25
CA ASN B 235 -8.39 -53.27 26.24
C ASN B 235 -9.75 -52.96 25.61
N PRO B 236 -10.41 -53.99 25.05
CA PRO B 236 -11.68 -53.79 24.32
C PRO B 236 -12.85 -53.21 25.15
N ASP B 237 -12.70 -53.10 26.47
CA ASP B 237 -13.72 -52.48 27.32
C ASP B 237 -13.74 -50.94 27.29
N HIS B 238 -12.73 -50.33 26.67
CA HIS B 238 -12.61 -48.88 26.62
C HIS B 238 -12.35 -48.42 25.20
N VAL B 240 -11.08 -45.16 22.53
CA VAL B 240 -10.31 -43.94 22.37
C VAL B 240 -11.29 -42.78 22.20
N TYR B 241 -11.19 -41.78 23.07
CA TYR B 241 -12.09 -40.64 23.01
C TYR B 241 -11.58 -39.62 21.98
N VAL B 242 -12.27 -38.49 21.83
CA VAL B 242 -12.06 -37.57 20.69
C VAL B 242 -10.62 -37.07 20.45
N TRP B 243 -9.86 -36.87 21.51
CA TRP B 243 -8.58 -36.16 21.40
C TRP B 243 -7.63 -36.92 20.47
N LEU B 244 -7.33 -38.17 20.80
CA LEU B 244 -6.42 -38.98 19.98
C LEU B 244 -7.06 -39.57 18.73
N ASP B 245 -8.38 -39.58 18.69
CA ASP B 245 -9.09 -40.01 17.49
C ASP B 245 -9.04 -38.89 16.47
N ALA B 246 -9.64 -37.75 16.81
CA ALA B 246 -9.83 -36.65 15.85
C ALA B 246 -8.53 -35.97 15.40
N LEU B 247 -7.71 -35.53 16.35
CA LEU B 247 -6.48 -34.81 16.02
C LEU B 247 -5.54 -35.63 15.14
N THR B 248 -5.53 -36.93 15.40
CA THR B 248 -4.62 -37.86 14.73
C THR B 248 -4.86 -37.94 13.21
N ASN B 249 -6.04 -37.52 12.75
CA ASN B 249 -6.36 -37.50 11.33
C ASN B 249 -5.25 -36.86 10.50
N TYR B 250 -4.59 -35.85 11.08
CA TYR B 250 -3.54 -35.12 10.39
C TYR B 250 -2.33 -36.01 10.18
N LEU B 251 -2.03 -36.86 11.16
CA LEU B 251 -0.94 -37.82 11.01
C LEU B 251 -1.30 -38.93 10.01
N THR B 252 -2.51 -39.49 10.12
CA THR B 252 -2.96 -40.49 9.16
C THR B 252 -2.85 -39.91 7.75
N GLY B 253 -3.47 -38.75 7.55
CA GLY B 253 -3.48 -38.10 6.26
C GLY B 253 -2.10 -37.94 5.64
N SER B 254 -1.12 -37.62 6.47
CA SER B 254 0.27 -37.42 6.04
C SER B 254 0.95 -38.70 5.57
N ARG B 255 0.30 -39.83 5.86
CA ARG B 255 0.86 -41.16 5.58
C ARG B 255 0.10 -41.93 4.50
N LEU B 256 -0.87 -41.30 3.84
CA LEU B 256 -1.68 -42.00 2.83
C LEU B 256 -1.23 -41.72 1.41
N ARG B 257 -0.87 -42.77 0.69
CA ARG B 257 -0.73 -42.68 -0.77
C ARG B 257 -2.12 -42.65 -1.38
N VAL B 258 -2.45 -41.55 -2.06
CA VAL B 258 -3.79 -41.36 -2.64
C VAL B 258 -3.64 -41.45 -4.18
N ASP B 259 -4.67 -41.94 -4.85
CA ASP B 259 -4.59 -42.22 -6.31
C ASP B 259 -5.34 -41.15 -7.15
N GLU B 260 -5.48 -41.40 -8.45
CA GLU B 260 -6.09 -40.42 -9.37
C GLU B 260 -7.53 -40.06 -8.98
N SER B 261 -8.27 -41.01 -8.41
CA SER B 261 -9.69 -40.83 -8.11
C SER B 261 -10.00 -40.25 -6.72
N GLY B 262 -8.97 -39.96 -5.94
CA GLY B 262 -9.14 -39.46 -4.56
C GLY B 262 -9.21 -40.59 -3.53
N LYS B 263 -9.03 -41.82 -4.01
CA LYS B 263 -9.13 -43.02 -3.19
C LYS B 263 -7.80 -43.28 -2.48
N GLU B 264 -7.89 -43.51 -1.16
CA GLU B 264 -6.73 -43.94 -0.37
C GLU B 264 -6.33 -45.35 -0.75
N VAL B 265 -5.07 -45.52 -1.13
CA VAL B 265 -4.60 -46.80 -1.65
C VAL B 265 -3.61 -47.49 -0.70
N SER B 266 -2.95 -46.73 0.17
CA SER B 266 -1.91 -47.31 1.01
C SER B 266 -1.60 -46.44 2.24
N LEU B 267 -0.99 -47.05 3.25
CA LEU B 267 -0.61 -46.36 4.48
C LEU B 267 0.85 -46.64 4.80
N VAL B 268 1.73 -45.70 4.45
CA VAL B 268 3.17 -45.92 4.64
C VAL B 268 3.50 -45.99 6.13
N ASP B 269 4.57 -46.71 6.45
CA ASP B 269 5.03 -46.84 7.85
C ASP B 269 5.59 -45.53 8.38
N ASP B 270 6.36 -44.85 7.55
CA ASP B 270 7.18 -43.72 7.97
C ASP B 270 6.75 -42.46 7.22
N PHE B 271 6.15 -41.50 7.95
CA PHE B 271 5.65 -40.26 7.35
C PHE B 271 6.64 -39.57 6.42
N ASN B 272 7.93 -39.65 6.76
CA ASN B 272 8.98 -39.02 5.96
C ASN B 272 9.03 -39.48 4.51
N GLU B 273 8.52 -40.67 4.26
CA GLU B 273 8.32 -41.21 2.92
C GLU B 273 7.61 -40.21 1.99
N LEU B 274 6.59 -39.54 2.52
CA LEU B 274 5.69 -38.68 1.75
C LEU B 274 5.94 -37.19 1.97
N GLU B 275 6.81 -36.87 2.92
CA GLU B 275 7.32 -35.51 3.14
C GLU B 275 6.23 -34.49 3.43
N ARG B 276 5.24 -34.88 4.25
CA ARG B 276 4.10 -34.02 4.53
C ARG B 276 4.06 -33.62 5.99
N PHE B 277 4.13 -34.59 6.88
CA PHE B 277 4.14 -34.29 8.28
C PHE B 277 5.45 -33.58 8.62
N PRO B 278 5.40 -32.59 9.55
CA PRO B 278 4.21 -32.03 10.20
C PRO B 278 3.49 -31.00 9.30
N ALA B 279 2.29 -30.61 9.70
CA ALA B 279 1.51 -29.65 8.92
C ALA B 279 2.23 -28.32 8.90
N ASP B 280 2.40 -27.74 7.69
CA ASP B 280 2.90 -26.38 7.54
C ASP B 280 1.88 -25.36 8.03
N VAL B 281 0.61 -25.59 7.75
CA VAL B 281 -0.48 -24.84 8.39
C VAL B 281 -1.65 -25.74 8.77
N HIS B 282 -2.13 -25.62 10.01
CA HIS B 282 -3.41 -26.15 10.45
C HIS B 282 -4.42 -25.00 10.53
N VAL B 283 -5.42 -25.02 9.66
CA VAL B 283 -6.51 -24.03 9.72
C VAL B 283 -7.60 -24.52 10.68
N ILE B 284 -8.02 -23.69 11.63
CA ILE B 284 -9.11 -24.04 12.57
C ILE B 284 -9.95 -22.84 12.97
N GLY B 285 -11.08 -23.10 13.62
CA GLY B 285 -11.85 -22.06 14.26
C GLY B 285 -11.35 -21.85 15.69
N LYS B 286 -11.56 -20.65 16.21
CA LYS B 286 -11.10 -20.32 17.56
C LYS B 286 -11.61 -21.31 18.59
N ASP B 287 -12.79 -21.87 18.34
CA ASP B 287 -13.45 -22.92 19.15
C ASP B 287 -12.58 -24.15 19.52
N ILE B 288 -11.64 -24.50 18.64
CA ILE B 288 -10.81 -25.71 18.85
C ILE B 288 -9.30 -25.38 18.96
N LEU B 289 -9.01 -24.13 19.32
CA LEU B 289 -7.64 -23.62 19.39
C LEU B 289 -6.82 -24.34 20.43
N LYS B 290 -7.34 -24.40 21.65
CA LYS B 290 -6.59 -24.98 22.75
C LYS B 290 -6.35 -26.46 22.59
N PHE B 291 -7.19 -27.14 21.82
CA PHE B 291 -7.01 -28.56 21.56
C PHE B 291 -5.87 -28.73 20.56
N HIS B 292 -5.79 -27.82 19.59
CA HIS B 292 -4.73 -27.84 18.59
C HIS B 292 -3.40 -27.23 19.10
N ALA B 293 -3.46 -26.16 19.87
CA ALA B 293 -2.22 -25.51 20.31
C ALA B 293 -1.66 -26.06 21.63
N ILE B 294 -2.45 -26.87 22.35
CA ILE B 294 -2.01 -27.45 23.64
C ILE B 294 -1.98 -28.98 23.63
N TYR B 295 -3.14 -29.63 23.49
CA TYR B 295 -3.23 -31.11 23.48
C TYR B 295 -2.45 -31.75 22.33
N TRP B 296 -2.74 -31.30 21.12
CA TRP B 296 -2.10 -31.87 19.90
C TRP B 296 -0.58 -31.89 20.04
N PRO B 297 0.08 -30.75 20.19
CA PRO B 297 1.53 -30.83 20.27
C PRO B 297 2.07 -31.60 21.49
N ALA B 298 1.34 -31.63 22.61
CA ALA B 298 1.73 -32.48 23.74
C ALA B 298 1.79 -33.93 23.28
N PHE B 299 0.77 -34.39 22.57
CA PHE B 299 0.78 -35.73 21.96
C PHE B 299 2.02 -35.96 21.06
N LEU B 300 2.35 -34.99 20.21
CA LEU B 300 3.48 -35.15 19.27
C LEU B 300 4.83 -35.14 19.99
N LEU B 301 4.94 -34.31 21.03
CA LEU B 301 6.12 -34.32 21.90
C LEU B 301 6.30 -35.68 22.55
N SER B 302 5.22 -36.22 23.11
CA SER B 302 5.31 -37.50 23.79
C SER B 302 5.74 -38.56 22.77
N ALA B 303 5.10 -38.58 21.62
CA ALA B 303 5.45 -39.55 20.56
C ALA B 303 6.84 -39.32 19.96
N GLY B 304 7.39 -38.13 20.13
CA GLY B 304 8.68 -37.80 19.56
C GLY B 304 8.55 -37.41 18.10
N LEU B 305 7.38 -36.90 17.75
CA LEU B 305 7.05 -36.49 16.41
C LEU B 305 7.27 -34.98 16.26
N PRO B 306 7.55 -34.53 15.03
CA PRO B 306 7.72 -33.08 14.78
C PRO B 306 6.41 -32.31 14.92
N LEU B 307 6.52 -31.07 15.40
CA LEU B 307 5.37 -30.22 15.66
C LEU B 307 4.96 -29.39 14.43
N PRO B 308 3.69 -29.00 14.34
CA PRO B 308 3.27 -28.20 13.17
C PRO B 308 3.97 -26.86 13.16
N LYS B 309 4.19 -26.28 11.96
CA LYS B 309 4.80 -24.95 11.87
C LYS B 309 3.86 -23.84 12.35
N LYS B 310 2.60 -23.87 11.90
CA LYS B 310 1.66 -22.80 12.23
C LYS B 310 0.25 -23.32 12.46
N ILE B 311 -0.45 -22.69 13.40
CA ILE B 311 -1.88 -22.90 13.58
C ILE B 311 -2.59 -21.57 13.43
N VAL B 312 -3.58 -21.52 12.54
CA VAL B 312 -4.31 -20.29 12.30
C VAL B 312 -5.77 -20.47 12.72
N ALA B 313 -6.21 -19.61 13.62
CA ALA B 313 -7.52 -19.72 14.26
C ALA B 313 -8.39 -18.52 13.89
N HIS B 314 -9.52 -18.79 13.24
CA HIS B 314 -10.38 -17.74 12.74
C HIS B 314 -11.63 -17.58 13.60
N GLY B 315 -12.45 -16.60 13.24
CA GLY B 315 -13.67 -16.29 13.96
C GLY B 315 -14.90 -16.93 13.34
N TRP B 316 -16.07 -16.54 13.84
CA TRP B 316 -17.34 -17.10 13.40
C TRP B 316 -18.13 -16.05 12.65
N TRP B 317 -18.87 -16.45 11.64
CA TRP B 317 -19.69 -15.52 10.89
C TRP B 317 -21.03 -15.18 11.54
N THR B 318 -21.54 -14.00 11.18
CA THR B 318 -22.91 -13.57 11.43
C THR B 318 -23.49 -13.16 10.08
N LYS B 319 -24.82 -13.13 9.97
CA LYS B 319 -25.47 -12.56 8.79
C LYS B 319 -26.50 -11.51 9.23
N ASP B 320 -26.39 -10.31 8.65
CA ASP B 320 -27.21 -9.15 9.01
C ASP B 320 -27.10 -8.83 10.52
N ARG B 321 -25.85 -8.85 10.99
CA ARG B 321 -25.48 -8.54 12.38
C ARG B 321 -26.18 -9.40 13.44
N LYS B 322 -26.72 -10.56 13.05
CA LYS B 322 -27.34 -11.50 13.98
C LYS B 322 -26.72 -12.90 13.84
N LYS B 323 -27.00 -13.75 14.82
CA LYS B 323 -26.52 -15.13 14.82
C LYS B 323 -27.14 -15.88 13.64
N ILE B 324 -26.36 -16.75 13.03
CA ILE B 324 -26.86 -17.61 11.95
C ILE B 324 -27.58 -18.80 12.57
N SER B 325 -28.82 -19.04 12.13
CA SER B 325 -29.63 -20.14 12.67
C SER B 325 -30.85 -20.39 11.77
N LYS B 326 -31.11 -21.67 11.51
CA LYS B 326 -32.32 -22.07 10.78
C LYS B 326 -33.56 -21.80 11.65
N SER B 327 -33.46 -22.16 12.92
CA SER B 327 -34.59 -22.06 13.86
C SER B 327 -35.00 -20.63 14.21
N LEU B 328 -34.05 -19.69 14.17
CA LEU B 328 -34.33 -18.27 14.45
C LEU B 328 -34.64 -17.47 13.17
N GLY B 329 -34.63 -18.13 12.01
CA GLY B 329 -34.99 -17.48 10.75
C GLY B 329 -33.89 -16.57 10.21
N ASN B 330 -32.66 -17.07 10.23
CA ASN B 330 -31.53 -16.33 9.70
C ASN B 330 -30.51 -17.29 9.05
N VAL B 331 -30.89 -17.80 7.89
CA VAL B 331 -30.11 -18.79 7.17
C VAL B 331 -29.06 -18.09 6.30
N PHE B 332 -27.84 -18.61 6.34
CA PHE B 332 -26.79 -18.16 5.41
C PHE B 332 -26.26 -19.37 4.67
N ASP B 333 -26.86 -19.66 3.52
CA ASP B 333 -26.50 -20.82 2.70
C ASP B 333 -25.47 -20.39 1.65
N PRO B 334 -24.20 -20.75 1.86
CA PRO B 334 -23.15 -20.24 0.96
C PRO B 334 -23.30 -20.69 -0.49
N VAL B 335 -23.77 -21.91 -0.70
CA VAL B 335 -23.98 -22.40 -2.05
C VAL B 335 -25.03 -21.53 -2.74
N GLU B 336 -26.14 -21.28 -2.04
CA GLU B 336 -27.22 -20.46 -2.58
C GLU B 336 -26.72 -19.08 -2.99
N LYS B 337 -25.97 -18.42 -2.09
CA LYS B 337 -25.44 -17.09 -2.37
C LYS B 337 -24.44 -17.11 -3.51
N ALA B 338 -23.65 -18.18 -3.60
CA ALA B 338 -22.71 -18.34 -4.72
C ALA B 338 -23.45 -18.44 -6.05
N GLU B 339 -24.64 -19.06 -6.04
CA GLU B 339 -25.47 -19.18 -7.24
C GLU B 339 -26.01 -17.83 -7.65
N GLU B 340 -26.28 -16.98 -6.67
CA GLU B 340 -26.82 -15.65 -6.94
C GLU B 340 -25.76 -14.65 -7.42
N PHE B 341 -24.58 -14.67 -6.79
CA PHE B 341 -23.55 -13.66 -7.04
C PHE B 341 -22.31 -14.19 -7.75
N GLY B 342 -22.14 -15.51 -7.75
CA GLY B 342 -20.95 -16.14 -8.32
C GLY B 342 -20.09 -16.76 -7.23
N TYR B 343 -19.42 -17.87 -7.57
CA TYR B 343 -18.61 -18.61 -6.62
C TYR B 343 -17.31 -17.88 -6.24
N ASP B 344 -16.52 -17.47 -7.23
CA ASP B 344 -15.31 -16.69 -6.96
C ASP B 344 -15.62 -15.39 -6.19
N ALA B 345 -16.76 -14.79 -6.47
CA ALA B 345 -17.13 -13.51 -5.86
C ALA B 345 -17.45 -13.67 -4.38
N LEU B 346 -18.17 -14.74 -4.05
CA LEU B 346 -18.50 -15.03 -2.66
C LEU B 346 -17.23 -15.35 -1.89
N LYS B 347 -16.40 -16.21 -2.44
CA LYS B 347 -15.13 -16.58 -1.82
C LYS B 347 -14.27 -15.34 -1.58
N TYR B 348 -14.21 -14.44 -2.56
CA TYR B 348 -13.52 -13.17 -2.39
C TYR B 348 -14.12 -12.39 -1.24
N PHE B 349 -15.45 -12.29 -1.21
CA PHE B 349 -16.09 -11.56 -0.12
C PHE B 349 -15.73 -12.16 1.24
N LEU B 350 -15.76 -13.47 1.36
CA LEU B 350 -15.55 -14.08 2.68
C LEU B 350 -14.11 -13.86 3.14
N LEU B 351 -13.19 -13.88 2.18
CA LEU B 351 -11.79 -13.74 2.50
C LEU B 351 -11.39 -12.29 2.68
N ARG B 352 -12.04 -11.39 1.96
CA ARG B 352 -11.69 -9.97 1.99
C ARG B 352 -12.46 -9.19 3.04
N GLU B 353 -13.68 -9.62 3.35
CA GLU B 353 -14.55 -8.84 4.26
C GLU B 353 -14.01 -8.80 5.68
N SER B 354 -13.44 -9.89 6.16
CA SER B 354 -12.94 -9.96 7.53
C SER B 354 -11.60 -10.68 7.61
N GLY B 355 -10.84 -10.34 8.65
CA GLY B 355 -9.61 -11.04 8.95
C GLY B 355 -9.85 -12.16 9.96
N PHE B 356 -8.79 -12.93 10.19
CA PHE B 356 -8.88 -14.08 11.07
C PHE B 356 -9.11 -13.69 12.51
N SER B 357 -8.74 -12.45 12.85
CA SER B 357 -8.94 -11.89 14.17
C SER B 357 -10.38 -11.56 14.51
N ASP B 358 -11.25 -11.60 13.51
CA ASP B 358 -12.56 -11.00 13.59
C ASP B 358 -13.67 -11.97 13.22
N ASP B 359 -14.79 -11.82 13.92
CA ASP B 359 -16.03 -12.44 13.53
C ASP B 359 -16.68 -11.60 12.44
N GLY B 360 -16.52 -12.04 11.20
CA GLY B 360 -17.07 -11.35 10.04
C GLY B 360 -18.59 -11.35 9.99
N ASP B 361 -19.14 -10.40 9.22
CA ASP B 361 -20.59 -10.25 9.05
C ASP B 361 -20.93 -10.29 7.58
N TYR B 362 -21.95 -11.07 7.23
CA TYR B 362 -22.42 -11.10 5.85
C TYR B 362 -23.69 -10.26 5.69
N SER B 363 -23.74 -9.49 4.60
CA SER B 363 -24.99 -8.96 4.08
C SER B 363 -24.94 -8.82 2.57
N ASP B 364 -26.11 -8.95 1.96
CA ASP B 364 -26.27 -8.74 0.53
C ASP B 364 -25.75 -7.36 0.10
N LYS B 365 -26.02 -6.35 0.92
CA LYS B 365 -25.61 -4.99 0.64
C LYS B 365 -24.09 -4.86 0.53
N ASN B 366 -23.36 -5.42 1.49
CA ASN B 366 -21.90 -5.32 1.51
C ASN B 366 -21.26 -6.24 0.45
N MET B 367 -21.88 -7.40 0.24
CA MET B 367 -21.51 -8.33 -0.82
C MET B 367 -21.55 -7.64 -2.18
N ILE B 368 -22.64 -6.93 -2.44
CA ILE B 368 -22.84 -6.21 -3.69
C ILE B 368 -21.88 -5.02 -3.78
N ALA B 369 -21.73 -4.28 -2.69
CA ALA B 369 -20.77 -3.17 -2.64
C ALA B 369 -19.37 -3.62 -3.07
N ARG B 370 -18.91 -4.74 -2.53
CA ARG B 370 -17.59 -5.26 -2.85
C ARG B 370 -17.53 -5.85 -4.25
N LEU B 371 -18.59 -6.52 -4.65
CA LEU B 371 -18.68 -7.09 -6.01
C LEU B 371 -18.60 -5.97 -7.06
N ASN B 372 -19.40 -4.92 -6.86
CA ASN B 372 -19.45 -3.82 -7.83
C ASN B 372 -18.19 -2.97 -7.82
N GLY B 373 -17.79 -2.52 -6.64
CA GLY B 373 -16.65 -1.61 -6.49
C GLY B 373 -15.27 -2.22 -6.73
N GLU B 374 -15.05 -3.43 -6.23
CA GLU B 374 -13.73 -4.04 -6.29
C GLU B 374 -13.59 -4.97 -7.49
N LEU B 375 -14.47 -5.95 -7.59
CA LEU B 375 -14.36 -6.97 -8.63
C LEU B 375 -14.72 -6.49 -10.04
N ALA B 376 -15.77 -5.67 -10.16
CA ALA B 376 -16.19 -5.16 -11.47
C ALA B 376 -15.47 -3.86 -11.85
N ASP B 377 -15.52 -2.87 -10.95
CA ASP B 377 -14.97 -1.53 -11.22
C ASP B 377 -13.46 -1.47 -11.23
N THR B 378 -12.81 -2.12 -10.26
CA THR B 378 -11.35 -2.04 -10.15
C THR B 378 -10.68 -3.09 -11.00
N LEU B 379 -11.00 -4.36 -10.76
CA LEU B 379 -10.35 -5.45 -11.49
C LEU B 379 -10.93 -5.57 -12.90
N GLY B 380 -12.23 -5.77 -12.99
CA GLY B 380 -12.90 -6.06 -14.26
C GLY B 380 -12.75 -5.01 -15.33
N ASN B 381 -13.03 -3.76 -15.00
CA ASN B 381 -12.94 -2.67 -15.99
C ASN B 381 -11.53 -2.49 -16.52
N LEU B 382 -10.56 -2.74 -15.66
CA LEU B 382 -9.15 -2.67 -16.05
C LEU B 382 -8.80 -3.77 -17.05
N VAL B 383 -9.25 -5.00 -16.79
CA VAL B 383 -9.02 -6.13 -17.71
C VAL B 383 -9.62 -5.83 -19.08
N MET B 384 -10.82 -5.26 -19.09
CA MET B 384 -11.50 -4.90 -20.35
C MET B 384 -10.78 -3.75 -21.06
N ARG B 385 -10.30 -2.76 -20.32
CA ARG B 385 -9.55 -1.63 -20.92
C ARG B 385 -8.30 -2.05 -21.70
N CYS B 386 -7.46 -2.91 -21.11
CA CYS B 386 -6.20 -3.29 -21.78
C CYS B 386 -6.40 -4.28 -22.93
N THR B 387 -7.51 -5.02 -22.89
CA THR B 387 -7.83 -5.98 -23.94
C THR B 387 -8.78 -5.41 -24.98
N SER B 388 -9.39 -4.28 -24.65
CA SER B 388 -10.31 -3.55 -25.55
C SER B 388 -9.73 -3.32 -26.95
N ALA B 389 -10.58 -3.47 -27.96
CA ALA B 389 -10.18 -3.23 -29.35
C ALA B 389 -9.98 -1.75 -29.66
N LYS B 390 -10.61 -0.87 -28.88
CA LYS B 390 -10.42 0.59 -29.06
C LYS B 390 -9.02 1.06 -28.67
N ILE B 391 -8.40 0.34 -27.75
CA ILE B 391 -7.11 0.76 -27.18
C ILE B 391 -5.99 -0.16 -27.69
N ASN B 392 -6.17 -1.46 -27.50
CA ASN B 392 -5.23 -2.44 -28.01
C ASN B 392 -5.67 -2.82 -29.43
N VAL B 393 -5.41 -1.92 -30.36
CA VAL B 393 -5.92 -2.11 -31.73
C VAL B 393 -5.38 -3.39 -32.37
N ASN B 394 -4.11 -3.72 -32.11
CA ASN B 394 -3.50 -4.94 -32.66
C ASN B 394 -3.74 -6.25 -31.91
N GLY B 395 -4.50 -6.19 -30.81
CA GLY B 395 -4.85 -7.40 -30.06
C GLY B 395 -3.65 -8.25 -29.64
N GLU B 396 -2.72 -7.62 -28.93
CA GLU B 396 -1.47 -8.29 -28.53
C GLU B 396 -0.70 -7.48 -27.49
N TRP B 397 0.27 -8.13 -26.86
CA TRP B 397 1.19 -7.49 -25.96
C TRP B 397 2.20 -6.67 -26.78
N PRO B 398 2.24 -5.33 -26.58
CA PRO B 398 3.20 -4.54 -27.32
C PRO B 398 4.57 -4.47 -26.69
N SER B 399 5.51 -3.98 -27.48
CA SER B 399 6.88 -3.76 -27.08
C SER B 399 6.98 -2.35 -26.51
N PRO B 400 7.46 -2.21 -25.25
CA PRO B 400 7.53 -0.87 -24.68
C PRO B 400 8.63 0.02 -25.27
N ALA B 401 8.31 1.30 -25.43
CA ALA B 401 9.29 2.37 -25.66
C ALA B 401 9.95 2.75 -24.34
N ALA B 402 10.41 3.99 -24.18
CA ALA B 402 11.16 4.38 -22.98
C ALA B 402 10.24 4.63 -21.77
N TYR B 403 10.74 4.33 -20.58
CA TYR B 403 9.96 4.49 -19.35
C TYR B 403 10.20 5.85 -18.70
N THR B 404 9.12 6.53 -18.33
CA THR B 404 9.22 7.75 -17.57
C THR B 404 9.33 7.43 -16.08
N GLU B 405 9.52 8.44 -15.26
CA GLU B 405 9.54 8.19 -13.83
C GLU B 405 8.22 7.63 -13.35
N GLU B 406 7.10 8.15 -13.88
CA GLU B 406 5.79 7.62 -13.50
C GLU B 406 5.64 6.15 -13.89
N ASP B 407 6.10 5.77 -15.08
CA ASP B 407 6.10 4.37 -15.48
C ASP B 407 6.85 3.50 -14.44
N GLU B 408 7.99 3.98 -13.97
CA GLU B 408 8.85 3.23 -13.07
C GLU B 408 8.21 3.13 -11.68
N SER B 409 7.52 4.20 -11.24
CA SER B 409 6.81 4.12 -9.99
C SER B 409 5.82 2.97 -10.04
N LEU B 410 5.30 2.65 -11.23
CA LEU B 410 4.28 1.61 -11.33
C LEU B 410 4.90 0.25 -11.44
N ILE B 411 5.84 0.14 -12.37
CA ILE B 411 6.69 -1.04 -12.53
C ILE B 411 7.26 -1.51 -11.17
N GLN B 412 7.66 -0.57 -10.31
CA GLN B 412 8.24 -0.94 -9.03
C GLN B 412 7.20 -1.58 -8.14
N LEU B 413 6.00 -1.00 -8.10
CA LEU B 413 4.87 -1.59 -7.36
C LEU B 413 4.56 -3.00 -7.83
N ILE B 414 4.57 -3.23 -9.14
CA ILE B 414 4.30 -4.55 -9.71
C ILE B 414 5.42 -5.54 -9.36
N LYS B 415 6.66 -5.08 -9.34
CA LYS B 415 7.80 -5.93 -8.95
C LYS B 415 7.80 -6.29 -7.47
N ASP B 416 7.37 -5.36 -6.62
CA ASP B 416 7.40 -5.56 -5.18
C ASP B 416 6.24 -6.43 -4.69
N LEU B 417 5.16 -6.50 -5.46
CA LEU B 417 3.94 -7.12 -4.97
C LEU B 417 4.08 -8.61 -4.65
N PRO B 418 4.78 -9.39 -5.50
CA PRO B 418 4.91 -10.81 -5.16
C PRO B 418 5.51 -11.08 -3.77
N GLY B 419 6.62 -10.43 -3.46
CA GLY B 419 7.26 -10.62 -2.16
C GLY B 419 6.40 -10.17 -0.98
N THR B 420 5.64 -9.10 -1.20
CA THR B 420 4.71 -8.58 -0.24
C THR B 420 3.59 -9.60 -0.03
N ALA B 421 2.97 -9.97 -1.13
CA ALA B 421 1.88 -10.95 -1.15
C ALA B 421 2.33 -12.27 -0.54
N ASP B 422 3.51 -12.73 -0.96
CA ASP B 422 4.07 -13.97 -0.44
C ASP B 422 4.15 -13.98 1.09
N HIS B 423 4.61 -12.89 1.68
CA HIS B 423 4.66 -12.80 3.15
C HIS B 423 3.26 -12.93 3.76
N TYR B 424 2.30 -12.22 3.20
CA TYR B 424 0.95 -12.23 3.75
C TYR B 424 0.33 -13.62 3.64
N TYR B 425 0.54 -14.27 2.49
CA TYR B 425 0.04 -15.61 2.25
C TYR B 425 0.71 -16.58 3.23
N LEU B 426 1.98 -16.34 3.55
CA LEU B 426 2.69 -17.22 4.47
C LEU B 426 2.34 -17.07 5.95
N ILE B 427 1.78 -15.94 6.39
CA ILE B 427 1.56 -15.71 7.84
C ILE B 427 0.69 -16.78 8.51
N PRO B 428 -0.48 -17.12 7.94
CA PRO B 428 -1.20 -16.54 6.81
C PRO B 428 -2.18 -15.47 7.26
N ASP B 429 -2.36 -14.47 6.41
CA ASP B 429 -3.33 -13.40 6.58
C ASP B 429 -3.79 -13.10 5.15
N ILE B 430 -4.88 -13.75 4.76
CA ILE B 430 -5.36 -13.70 3.40
C ILE B 430 -6.04 -12.37 3.09
N GLN B 431 -6.67 -11.75 4.11
CA GLN B 431 -7.26 -10.43 3.90
C GLN B 431 -6.22 -9.40 3.49
N LYS B 432 -5.06 -9.39 4.15
CA LYS B 432 -3.98 -8.48 3.77
C LYS B 432 -3.36 -8.82 2.39
N ALA B 433 -3.23 -10.09 2.06
CA ALA B 433 -2.73 -10.47 0.73
C ALA B 433 -3.61 -9.89 -0.37
N ILE B 434 -4.92 -10.06 -0.23
CA ILE B 434 -5.89 -9.49 -1.16
C ILE B 434 -5.75 -7.96 -1.25
N ILE B 435 -5.73 -7.31 -0.08
CA ILE B 435 -5.61 -5.86 -0.02
C ILE B 435 -4.33 -5.41 -0.72
N ALA B 436 -3.21 -6.07 -0.47
CA ALA B 436 -1.97 -5.70 -1.14
C ALA B 436 -2.14 -5.77 -2.66
N VAL B 437 -2.76 -6.83 -3.19
CA VAL B 437 -2.95 -6.88 -4.65
C VAL B 437 -3.85 -5.75 -5.13
N PHE B 438 -4.94 -5.51 -4.41
CA PHE B 438 -5.84 -4.46 -4.83
C PHE B 438 -5.26 -3.05 -4.71
N ASP B 439 -4.30 -2.82 -3.79
CA ASP B 439 -3.60 -1.53 -3.77
C ASP B 439 -2.91 -1.32 -5.13
N VAL B 440 -2.35 -2.38 -5.70
CA VAL B 440 -1.64 -2.30 -6.97
C VAL B 440 -2.64 -2.16 -8.11
N LEU B 441 -3.75 -2.87 -8.04
CA LEU B 441 -4.79 -2.73 -9.07
C LEU B 441 -5.29 -1.28 -9.16
N ARG B 442 -5.55 -0.68 -8.00
CA ARG B 442 -5.93 0.73 -7.92
C ARG B 442 -4.88 1.66 -8.53
N ALA B 443 -3.61 1.40 -8.24
CA ALA B 443 -2.52 2.20 -8.83
C ALA B 443 -2.52 2.06 -10.34
N ILE B 444 -2.73 0.85 -10.87
CA ILE B 444 -2.76 0.66 -12.33
C ILE B 444 -3.93 1.42 -12.93
N ASN B 445 -5.08 1.41 -12.25
CA ASN B 445 -6.25 2.21 -12.68
C ASN B 445 -5.98 3.70 -12.71
N ALA B 446 -5.21 4.20 -11.74
CA ALA B 446 -4.88 5.61 -11.65
C ALA B 446 -3.92 5.99 -12.78
N TYR B 447 -2.94 5.13 -13.01
CA TYR B 447 -1.98 5.29 -14.11
C TYR B 447 -2.70 5.33 -15.47
N VAL B 448 -3.66 4.43 -15.66
CA VAL B 448 -4.40 4.37 -16.92
C VAL B 448 -5.19 5.66 -17.10
N THR B 449 -5.89 6.09 -16.05
CA THR B 449 -6.62 7.36 -16.07
C THR B 449 -5.72 8.55 -16.39
N ASP B 450 -4.54 8.62 -15.78
CA ASP B 450 -3.63 9.72 -16.03
C ASP B 450 -3.06 9.66 -17.44
N MET B 451 -2.75 8.47 -17.93
CA MET B 451 -2.16 8.33 -19.26
C MET B 451 -3.21 8.42 -20.37
N ALA B 452 -4.45 8.06 -20.07
CA ALA B 452 -5.56 8.13 -21.03
C ALA B 452 -5.23 7.52 -22.41
N PRO B 453 -4.95 6.21 -22.45
CA PRO B 453 -4.49 5.56 -23.70
C PRO B 453 -5.44 5.68 -24.89
N TRP B 454 -6.73 5.77 -24.62
CA TRP B 454 -7.72 5.97 -25.69
C TRP B 454 -7.40 7.15 -26.59
N LYS B 455 -6.76 8.20 -26.04
CA LYS B 455 -6.29 9.34 -26.84
C LYS B 455 -4.95 9.05 -27.53
N LEU B 456 -4.09 8.29 -26.87
CA LEU B 456 -2.76 8.00 -27.40
C LEU B 456 -2.81 7.16 -28.69
N VAL B 457 -3.93 6.45 -28.93
CA VAL B 457 -4.05 5.65 -30.14
C VAL B 457 -3.85 6.52 -31.38
N LYS B 458 -4.40 7.73 -31.37
CA LYS B 458 -4.24 8.70 -32.46
C LYS B 458 -3.05 9.64 -32.26
N THR B 459 -2.90 10.14 -31.03
CA THR B 459 -1.89 11.15 -30.72
C THR B 459 -0.45 10.62 -30.72
N ASP B 460 -0.20 9.55 -29.97
CA ASP B 460 1.18 9.08 -29.71
C ASP B 460 1.24 7.55 -29.65
N PRO B 461 1.33 6.90 -30.82
CA PRO B 461 1.32 5.42 -30.79
C PRO B 461 2.46 4.82 -29.97
N GLU B 462 3.65 5.40 -30.09
CA GLU B 462 4.82 4.95 -29.35
C GLU B 462 4.56 4.95 -27.84
N ARG B 463 3.98 6.02 -27.33
CA ARG B 463 3.72 6.12 -25.92
C ARG B 463 2.66 5.10 -25.48
N LEU B 464 1.72 4.80 -26.38
CA LEU B 464 0.70 3.79 -26.11
C LEU B 464 1.31 2.41 -25.90
N ARG B 465 2.30 2.06 -26.73
CA ARG B 465 2.95 0.78 -26.61
C ARG B 465 3.48 0.57 -25.18
N THR B 466 4.11 1.61 -24.65
CA THR B 466 4.68 1.56 -23.31
C THR B 466 3.57 1.41 -22.27
N VAL B 467 2.55 2.26 -22.36
CA VAL B 467 1.49 2.34 -21.35
C VAL B 467 0.69 1.04 -21.32
N LEU B 468 0.41 0.53 -22.52
CA LEU B 468 -0.37 -0.68 -22.69
C LEU B 468 0.41 -1.89 -22.15
N TYR B 469 1.70 -1.98 -22.46
CA TYR B 469 2.51 -3.08 -21.97
C TYR B 469 2.57 -3.18 -20.44
N ILE B 470 2.71 -2.04 -19.77
CA ILE B 470 2.84 -2.02 -18.31
C ILE B 470 1.50 -2.41 -17.67
N THR B 471 0.41 -1.95 -18.27
CA THR B 471 -0.93 -2.24 -17.76
C THR B 471 -1.19 -3.74 -17.85
N LEU B 472 -1.00 -4.30 -19.06
CA LEU B 472 -1.14 -5.73 -19.27
C LEU B 472 -0.35 -6.53 -18.22
N GLU B 473 0.91 -6.16 -18.05
CA GLU B 473 1.78 -6.90 -17.15
C GLU B 473 1.38 -6.69 -15.69
N GLY B 474 0.88 -5.50 -15.35
CA GLY B 474 0.34 -5.27 -14.01
C GLY B 474 -0.91 -6.11 -13.77
N VAL B 475 -1.74 -6.23 -14.81
CA VAL B 475 -2.92 -7.06 -14.72
C VAL B 475 -2.56 -8.55 -14.61
N ARG B 476 -1.48 -8.98 -15.25
CA ARG B 476 -1.08 -10.37 -15.17
C ARG B 476 -0.61 -10.77 -13.78
N VAL B 477 0.33 -9.99 -13.26
CA VAL B 477 0.95 -10.29 -12.00
C VAL B 477 -0.06 -10.24 -10.85
N THR B 478 -0.99 -9.30 -10.90
CA THR B 478 -2.02 -9.17 -9.86
C THR B 478 -3.00 -10.32 -9.95
N THR B 479 -3.29 -10.75 -11.18
CA THR B 479 -4.24 -11.82 -11.41
C THR B 479 -3.65 -13.13 -10.94
N LEU B 480 -2.39 -13.36 -11.27
CA LEU B 480 -1.64 -14.51 -10.77
C LEU B 480 -1.67 -14.57 -9.25
N LEU B 481 -1.38 -13.47 -8.59
CA LEU B 481 -1.38 -13.48 -7.14
C LEU B 481 -2.76 -13.58 -6.54
N LEU B 482 -3.80 -13.30 -7.34
CA LEU B 482 -5.20 -13.46 -6.91
C LEU B 482 -5.79 -14.80 -7.33
N SER B 483 -5.14 -15.52 -8.23
CA SER B 483 -5.69 -16.77 -8.74
C SER B 483 -6.08 -17.82 -7.67
N PRO B 484 -5.45 -17.77 -6.48
CA PRO B 484 -5.93 -18.66 -5.43
C PRO B 484 -7.24 -18.22 -4.80
N ILE B 485 -7.58 -16.95 -5.01
CA ILE B 485 -8.80 -16.36 -4.45
C ILE B 485 -9.95 -16.50 -5.47
N LEU B 486 -9.62 -16.25 -6.73
CA LEU B 486 -10.56 -16.28 -7.83
C LEU B 486 -10.04 -17.29 -8.85
N PRO B 487 -10.13 -18.58 -8.54
CA PRO B 487 -9.50 -19.59 -9.39
C PRO B 487 -10.10 -19.72 -10.78
N ARG B 488 -11.43 -19.62 -10.90
CA ARG B 488 -12.08 -19.70 -12.20
C ARG B 488 -11.93 -18.40 -12.98
N LYS B 489 -12.23 -17.28 -12.33
CA LYS B 489 -12.16 -15.98 -13.00
C LYS B 489 -10.75 -15.65 -13.49
N SER B 490 -9.73 -16.12 -12.78
CA SER B 490 -8.33 -15.88 -13.19
C SER B 490 -8.00 -16.59 -14.51
N VAL B 491 -8.61 -17.75 -14.75
CA VAL B 491 -8.42 -18.46 -16.01
C VAL B 491 -9.03 -17.64 -17.13
N VAL B 492 -10.20 -17.05 -16.85
CA VAL B 492 -10.91 -16.20 -17.82
C VAL B 492 -10.04 -14.97 -18.18
N ILE B 493 -9.38 -14.40 -17.18
CA ILE B 493 -8.53 -13.23 -17.38
C ILE B 493 -7.29 -13.59 -18.19
N PHE B 494 -6.60 -14.67 -17.80
CA PHE B 494 -5.42 -15.13 -18.52
C PHE B 494 -5.72 -15.50 -19.97
N ASP B 495 -6.90 -16.10 -20.20
CA ASP B 495 -7.35 -16.37 -21.58
C ASP B 495 -7.51 -15.08 -22.35
N MET B 496 -8.14 -14.08 -21.73
CA MET B 496 -8.31 -12.77 -22.36
C MET B 496 -6.95 -12.16 -22.72
N LEU B 497 -6.01 -12.20 -21.79
CA LEU B 497 -4.65 -11.67 -22.01
C LEU B 497 -3.80 -12.51 -22.97
N GLY B 498 -4.24 -13.72 -23.28
CA GLY B 498 -3.45 -14.66 -24.08
C GLY B 498 -2.20 -15.16 -23.37
N VAL B 499 -2.25 -15.29 -22.06
CA VAL B 499 -1.12 -15.80 -21.31
C VAL B 499 -1.04 -17.33 -21.46
N PRO B 500 0.05 -17.84 -22.08
CA PRO B 500 0.20 -19.29 -22.13
C PRO B 500 0.07 -19.97 -20.75
N GLU B 501 -0.47 -21.19 -20.75
CA GLU B 501 -0.57 -22.04 -19.55
C GLU B 501 0.71 -22.09 -18.72
N VAL B 502 1.84 -22.26 -19.40
CA VAL B 502 3.12 -22.39 -18.74
C VAL B 502 3.48 -21.16 -17.90
N HIS B 503 2.97 -19.98 -18.28
CA HIS B 503 3.24 -18.75 -17.55
C HIS B 503 2.17 -18.44 -16.52
N ARG B 504 1.29 -19.39 -16.26
CA ARG B 504 0.17 -19.18 -15.32
C ARG B 504 0.47 -19.78 -13.94
N LYS B 505 1.63 -20.42 -13.80
CA LYS B 505 2.04 -21.01 -12.54
C LYS B 505 3.56 -20.94 -12.49
N GLY B 506 4.11 -21.00 -11.27
CA GLY B 506 5.55 -21.01 -11.06
C GLY B 506 6.05 -19.70 -10.47
N ILE B 507 6.79 -19.79 -9.37
CA ILE B 507 7.44 -18.64 -8.73
C ILE B 507 8.16 -17.75 -9.73
N GLU B 508 8.84 -18.37 -10.70
CA GLU B 508 9.58 -17.63 -11.71
C GLU B 508 8.67 -16.71 -12.50
N ASN B 509 7.39 -17.05 -12.62
CA ASN B 509 6.44 -16.21 -13.34
C ASN B 509 5.83 -15.05 -12.55
N PHE B 510 6.20 -14.93 -11.29
CA PHE B 510 5.86 -13.75 -10.50
C PHE B 510 6.63 -12.54 -11.02
N GLU B 511 7.79 -12.77 -11.63
CA GLU B 511 8.67 -11.70 -12.12
C GLU B 511 8.14 -10.88 -13.30
N PHE B 512 8.56 -9.61 -13.33
CA PHE B 512 8.11 -8.64 -14.30
C PHE B 512 8.60 -9.03 -15.69
N GLY B 513 7.75 -8.86 -16.67
CA GLY B 513 8.07 -9.13 -18.06
C GLY B 513 8.28 -10.59 -18.38
N ALA B 514 7.51 -11.46 -17.74
CA ALA B 514 7.62 -12.89 -17.99
C ALA B 514 6.95 -13.28 -19.30
N VAL B 515 6.12 -12.40 -19.84
CA VAL B 515 5.41 -12.67 -21.07
C VAL B 515 5.92 -11.74 -22.16
N PRO B 516 6.56 -12.30 -23.19
CA PRO B 516 7.23 -11.44 -24.15
C PRO B 516 6.28 -10.63 -25.03
N PRO B 517 6.68 -9.40 -25.36
CA PRO B 517 6.04 -8.68 -26.47
C PRO B 517 5.86 -9.58 -27.68
N GLY B 518 4.74 -9.40 -28.39
CA GLY B 518 4.37 -10.28 -29.50
C GLY B 518 3.21 -11.19 -29.11
N THR B 519 3.16 -11.60 -27.84
CA THR B 519 2.10 -12.49 -27.34
C THR B 519 0.72 -11.99 -27.73
N ARG B 520 -0.02 -12.87 -28.40
CA ARG B 520 -1.32 -12.57 -28.99
C ARG B 520 -2.41 -12.68 -27.93
N LEU B 521 -3.33 -11.73 -27.92
CA LEU B 521 -4.48 -11.79 -27.01
C LEU B 521 -5.44 -12.91 -27.39
N GLY B 522 -6.23 -13.37 -26.43
CA GLY B 522 -7.27 -14.36 -26.70
C GLY B 522 -8.46 -13.68 -27.37
N PRO B 523 -9.31 -14.47 -28.05
CA PRO B 523 -10.46 -13.87 -28.75
C PRO B 523 -11.45 -13.25 -27.78
N ALA B 524 -12.38 -12.46 -28.30
CA ALA B 524 -13.39 -11.78 -27.47
C ALA B 524 -14.79 -12.12 -27.95
N VAL B 525 -15.75 -12.06 -27.01
CA VAL B 525 -17.16 -12.37 -27.31
C VAL B 525 -18.02 -11.12 -27.19
N GLU B 526 -19.06 -11.01 -28.02
CA GLU B 526 -19.89 -9.79 -28.12
C GLU B 526 -20.44 -9.30 -26.78
N GLY B 527 -20.99 -10.22 -25.99
CA GLY B 527 -21.69 -9.85 -24.76
C GLY B 527 -20.88 -9.82 -23.46
N GLU B 528 -19.75 -10.54 -23.43
CA GLU B 528 -19.13 -10.93 -22.15
C GLU B 528 -18.63 -9.79 -21.25
N VAL B 529 -18.85 -9.96 -19.95
CA VAL B 529 -18.22 -9.15 -18.91
C VAL B 529 -17.66 -10.09 -17.86
N LEU B 530 -16.60 -9.64 -17.19
CA LEU B 530 -15.91 -10.49 -16.23
C LEU B 530 -16.77 -10.65 -14.98
N PHE B 531 -17.27 -9.53 -14.48
CA PHE B 531 -18.17 -9.52 -13.34
C PHE B 531 -19.36 -8.65 -13.65
N SER B 532 -20.56 -9.21 -13.59
CA SER B 532 -21.76 -8.44 -13.81
C SER B 532 -22.08 -7.67 -12.55
N LYS B 533 -22.30 -6.38 -12.69
CA LYS B 533 -22.66 -5.52 -11.57
C LYS B 533 -24.11 -5.79 -11.24
N ARG B 534 -24.51 -5.58 -9.99
CA ARG B 534 -25.87 -5.88 -9.56
C ARG B 534 -26.56 -4.72 -8.83
N SER B 535 -27.89 -4.81 -8.79
CA SER B 535 -28.79 -3.67 -8.56
C SER B 535 -28.44 -2.69 -7.42
N THR B 536 -28.74 -1.41 -7.68
CA THR B 536 -28.59 -0.28 -6.73
C THR B 536 -28.72 1.04 -7.50
#